data_2X3K
#
_entry.id   2X3K
#
_cell.length_a   57.700
_cell.length_b   70.000
_cell.length_c   96.000
_cell.angle_alpha   95.00
_cell.angle_beta   101.90
_cell.angle_gamma   94.70
#
_symmetry.space_group_name_H-M   'P 1'
#
loop_
_entity.id
_entity.type
_entity.pdbx_description
1 polymer ACSD
2 non-polymer 'ADENOSINE MONOPHOSPHATE'
3 non-polymer 'SULFATE ION'
4 water water
#
_entity_poly.entity_id   1
_entity_poly.type   'polypeptide(L)'
_entity_poly.pdbx_seq_one_letter_code
;MNNRNHDVLSRMISEKAALHGLLNCLIKEFAIPEGYLRYEWPDEMKGIPPGAYFDGADWKGIPMMIGLPDQLQLFVMVDR
RDTFGSQHYLSDVYLRQAQGDWQCPDFEPLVARLLAACEHIAGRKNPELYEQILQSQRLVSAIVSHNGRQRADAPLQHYL
QSEQGLWFGHPSHPAPKARLWPAHLGQEQWAPEFQARAALHQFEVPVDGLHIGANGLTPQQVLDGFADQQPASPGHAIIC
MHPVQAQLFMQDARVQQLLRDNVIRDLGQSGRVASPTASIRTWFIDDHDYFIKGSLNVRITNCVRKNAWYELESTVLIDR
LFRQLLDQHADTLGGLVAAAEPGVVSWSPAAAGELDSHWFREQTGGILRENFCRRTGAERSIMAGTLFARGVDLQPMIQT
FLRTHYGEALDDNALLYWFDDYQTRLLRPVLSLFFNHGVVMEPHLQNSVLVHQQGRPQQVLLRDFEGVKLTDDLGIRYID
DDIHPRVRQSLLYSREQGWNRIMYCLFINHLSETILALSQGRPQLAPLMWRRVQQQLRAIQGELKQPSPELDALIAGHPV
ACKTNLKVRLAAEADRQASYVRLPSPWGHAVQHGSEVQHDERRHGDVRHEEARHGEVQHG
;
_entity_poly.pdbx_strand_id   A,B
#
# COMPACT_ATOMS: atom_id res chain seq x y z
N ASP A 7 3.68 -8.96 19.31
CA ASP A 7 3.69 -10.46 19.50
C ASP A 7 3.13 -11.26 18.33
N VAL A 8 1.81 -11.16 18.07
CA VAL A 8 1.23 -11.73 16.86
C VAL A 8 1.74 -10.87 15.66
N LEU A 9 1.78 -9.58 15.85
CA LEU A 9 2.36 -8.69 14.89
C LEU A 9 3.87 -8.98 14.69
N SER A 10 4.59 -9.24 15.77
CA SER A 10 6.01 -9.57 15.71
C SER A 10 6.24 -10.85 14.94
N ARG A 11 5.37 -11.85 15.16
CA ARG A 11 5.51 -13.15 14.53
C ARG A 11 5.36 -13.00 13.03
N MET A 12 4.31 -12.30 12.62
CA MET A 12 4.06 -12.06 11.22
C MET A 12 5.21 -11.29 10.54
N ILE A 13 5.76 -10.28 11.20
CA ILE A 13 6.95 -9.65 10.66
C ILE A 13 8.08 -10.69 10.41
N SER A 14 8.29 -11.63 11.32
CA SER A 14 9.34 -12.63 11.13
C SER A 14 8.98 -13.69 10.05
N GLU A 15 7.73 -14.09 9.93
CA GLU A 15 7.36 -15.06 8.91
C GLU A 15 7.59 -14.41 7.58
N LYS A 16 7.20 -13.14 7.42
CA LYS A 16 7.47 -12.41 6.15
C LYS A 16 8.94 -12.31 5.80
N ALA A 17 9.75 -11.92 6.78
CA ALA A 17 11.23 -11.78 6.63
C ALA A 17 11.96 -13.05 6.22
N ALA A 18 11.61 -14.15 6.88
CA ALA A 18 12.21 -15.49 6.64
C ALA A 18 11.79 -16.05 5.27
N LEU A 19 10.51 -15.87 4.96
CA LEU A 19 9.99 -16.29 3.67
C LEU A 19 10.78 -15.58 2.55
N HIS A 20 10.99 -14.28 2.71
CA HIS A 20 11.71 -13.50 1.72
C HIS A 20 13.14 -13.96 1.51
N GLY A 21 13.87 -14.19 2.60
CA GLY A 21 15.23 -14.76 2.52
C GLY A 21 15.32 -16.10 1.79
N LEU A 22 14.32 -16.94 2.01
CA LEU A 22 14.28 -18.28 1.45
C LEU A 22 13.89 -18.21 -0.02
N LEU A 23 13.00 -17.28 -0.33
CA LEU A 23 12.66 -16.99 -1.69
C LEU A 23 13.89 -16.52 -2.46
N ASN A 24 14.72 -15.65 -1.85
CA ASN A 24 15.95 -15.18 -2.49
C ASN A 24 16.83 -16.34 -2.92
N CYS A 25 16.96 -17.32 -2.02
CA CYS A 25 17.81 -18.45 -2.30
C CYS A 25 17.27 -19.24 -3.47
N LEU A 26 15.95 -19.38 -3.54
CA LEU A 26 15.32 -20.19 -4.57
C LEU A 26 15.47 -19.55 -5.94
N ILE A 27 15.19 -18.26 -6.01
CA ILE A 27 15.41 -17.47 -7.20
C ILE A 27 16.90 -17.49 -7.60
N LYS A 28 17.81 -17.19 -6.68
CA LYS A 28 19.22 -17.14 -7.05
C LYS A 28 19.90 -18.47 -7.39
N GLU A 29 19.52 -19.58 -6.73
CA GLU A 29 20.33 -20.83 -6.82
C GLU A 29 19.69 -21.97 -7.64
N PHE A 30 18.44 -21.79 -8.03
CA PHE A 30 17.76 -22.80 -8.83
C PHE A 30 17.03 -22.14 -9.99
N ALA A 31 15.94 -21.42 -9.68
CA ALA A 31 15.05 -20.85 -10.68
C ALA A 31 15.75 -20.15 -11.82
N ILE A 32 16.48 -19.07 -11.52
CA ILE A 32 17.21 -18.29 -12.55
C ILE A 32 18.27 -19.14 -13.27
N PRO A 33 19.24 -19.72 -12.55
CA PRO A 33 20.26 -20.45 -13.28
C PRO A 33 19.78 -21.65 -14.10
N GLU A 34 18.75 -22.35 -13.65
CA GLU A 34 18.20 -23.50 -14.38
C GLU A 34 17.00 -23.20 -15.27
N GLY A 35 16.56 -21.95 -15.30
CA GLY A 35 15.52 -21.49 -16.25
C GLY A 35 14.08 -21.83 -15.91
N TYR A 36 13.75 -21.79 -14.61
CA TYR A 36 12.39 -22.06 -14.11
C TYR A 36 11.55 -20.79 -13.95
N LEU A 37 12.18 -19.65 -14.25
CA LEU A 37 11.60 -18.36 -13.93
C LEU A 37 11.04 -17.65 -15.15
N ARG A 38 9.83 -17.07 -15.01
CA ARG A 38 9.24 -16.23 -16.06
C ARG A 38 8.51 -15.01 -15.46
N TYR A 39 8.54 -13.87 -16.15
CA TYR A 39 7.78 -12.70 -15.74
C TYR A 39 6.49 -12.62 -16.52
N GLU A 40 5.43 -13.16 -15.93
CA GLU A 40 4.26 -13.52 -16.72
C GLU A 40 3.07 -13.93 -15.86
N TRP A 41 1.90 -13.43 -16.24
CA TRP A 41 0.66 -13.75 -15.51
C TRP A 41 0.31 -15.22 -15.66
N PRO A 42 -0.30 -15.83 -14.62
CA PRO A 42 -0.84 -17.16 -14.86
C PRO A 42 -1.90 -17.09 -15.94
N ASP A 43 -2.19 -18.21 -16.56
CA ASP A 43 -3.27 -18.22 -17.53
C ASP A 43 -4.56 -18.48 -16.75
N GLU A 44 -4.42 -18.70 -15.45
CA GLU A 44 -5.58 -18.94 -14.61
C GLU A 44 -5.34 -18.43 -13.18
N MET A 45 -6.23 -17.55 -12.69
CA MET A 45 -6.03 -16.88 -11.37
C MET A 45 -6.85 -17.41 -10.21
N LYS A 46 -7.79 -18.33 -10.47
CA LYS A 46 -8.72 -18.83 -9.44
C LYS A 46 -8.01 -19.29 -8.18
N GLY A 47 -8.46 -18.78 -7.02
CA GLY A 47 -7.80 -19.07 -5.75
C GLY A 47 -7.03 -17.87 -5.20
N ILE A 48 -6.37 -17.11 -6.09
CA ILE A 48 -5.75 -15.81 -5.81
C ILE A 48 -6.78 -14.64 -5.74
N PRO A 49 -6.87 -13.96 -4.59
CA PRO A 49 -7.77 -12.82 -4.39
C PRO A 49 -7.35 -11.56 -5.18
N PRO A 50 -8.31 -10.72 -5.60
CA PRO A 50 -7.99 -9.56 -6.42
C PRO A 50 -6.97 -8.68 -5.77
N GLY A 51 -7.11 -8.53 -4.46
CA GLY A 51 -6.27 -7.68 -3.63
C GLY A 51 -4.82 -8.06 -3.60
N ALA A 52 -4.49 -9.31 -3.97
CA ALA A 52 -3.09 -9.73 -3.98
C ALA A 52 -2.24 -9.15 -5.14
N TYR A 53 -2.89 -8.77 -6.25
CA TYR A 53 -2.23 -8.26 -7.47
C TYR A 53 -2.76 -6.88 -7.97
N PHE A 54 -3.90 -6.46 -7.41
CA PHE A 54 -4.56 -5.22 -7.86
C PHE A 54 -4.84 -4.30 -6.67
N ASP A 55 -4.39 -3.06 -6.79
CA ASP A 55 -4.47 -2.13 -5.65
C ASP A 55 -5.69 -1.19 -5.69
N GLY A 56 -6.46 -1.24 -6.78
CA GLY A 56 -7.59 -0.34 -6.95
C GLY A 56 -7.46 0.47 -8.23
N ALA A 57 -6.23 0.81 -8.61
CA ALA A 57 -6.00 1.58 -9.83
C ALA A 57 -5.21 0.83 -10.89
N ASP A 58 -4.35 -0.11 -10.45
CA ASP A 58 -3.24 -0.62 -11.29
C ASP A 58 -2.75 -1.94 -10.73
N TRP A 59 -1.83 -2.58 -11.44
CA TRP A 59 -1.27 -3.85 -10.94
C TRP A 59 -0.18 -3.47 -9.98
N LYS A 60 -0.18 -4.12 -8.82
CA LYS A 60 0.87 -3.93 -7.82
C LYS A 60 2.20 -4.49 -8.34
N GLY A 61 2.81 -3.84 -9.35
CA GLY A 61 4.07 -4.35 -9.89
C GLY A 61 3.98 -5.33 -11.06
N ILE A 62 4.86 -6.33 -11.06
CA ILE A 62 5.02 -7.32 -12.15
C ILE A 62 4.75 -8.72 -11.61
N PRO A 63 4.00 -9.56 -12.35
CA PRO A 63 3.83 -10.98 -12.01
C PRO A 63 5.14 -11.80 -12.06
N MET A 64 5.49 -12.54 -10.99
CA MET A 64 6.61 -13.49 -11.10
C MET A 64 6.19 -14.94 -10.88
N MET A 65 6.75 -15.79 -11.71
CA MET A 65 6.25 -17.11 -11.83
C MET A 65 7.38 -18.16 -11.97
N ILE A 66 7.24 -19.28 -11.26
CA ILE A 66 8.30 -20.31 -11.23
C ILE A 66 7.75 -21.70 -11.44
N GLY A 67 8.24 -22.38 -12.46
CA GLY A 67 7.87 -23.78 -12.69
C GLY A 67 8.80 -24.73 -11.96
N LEU A 68 8.29 -25.40 -10.92
CA LEU A 68 9.14 -26.34 -10.19
C LEU A 68 8.87 -27.80 -10.56
N PRO A 69 9.82 -28.42 -11.30
CA PRO A 69 9.68 -29.76 -11.92
C PRO A 69 8.73 -30.78 -11.23
N ASP A 70 8.43 -30.60 -9.94
CA ASP A 70 7.59 -31.57 -9.23
C ASP A 70 6.07 -31.41 -9.36
N GLN A 71 5.60 -30.80 -10.48
CA GLN A 71 4.18 -30.37 -10.70
C GLN A 71 3.79 -29.01 -10.02
N LEU A 72 4.67 -28.51 -9.16
CA LEU A 72 4.40 -27.34 -8.36
C LEU A 72 4.74 -26.09 -9.12
N GLN A 73 3.86 -25.09 -9.02
CA GLN A 73 4.13 -23.76 -9.54
C GLN A 73 3.90 -22.69 -8.50
N LEU A 74 4.66 -21.59 -8.65
CA LEU A 74 4.63 -20.48 -7.71
C LEU A 74 4.38 -19.08 -8.36
N PHE A 75 3.62 -18.26 -7.65
CA PHE A 75 3.29 -16.92 -8.07
C PHE A 75 3.57 -15.91 -6.92
N VAL A 76 4.22 -14.80 -7.27
CA VAL A 76 4.53 -13.69 -6.34
C VAL A 76 4.70 -12.37 -7.12
N MET A 77 4.05 -11.31 -6.65
CA MET A 77 4.22 -10.03 -7.33
C MET A 77 5.52 -9.41 -6.88
N VAL A 78 6.29 -8.92 -7.83
CA VAL A 78 7.59 -8.31 -7.50
C VAL A 78 7.67 -6.93 -8.14
N ASP A 79 8.58 -6.12 -7.63
CA ASP A 79 8.68 -4.71 -8.04
C ASP A 79 9.60 -4.47 -9.25
N ARG A 80 10.31 -5.50 -9.71
CA ARG A 80 11.28 -5.30 -10.81
C ARG A 80 11.77 -6.62 -11.40
N ARG A 81 12.36 -6.51 -12.59
CA ARG A 81 13.09 -7.61 -13.19
C ARG A 81 14.58 -7.42 -12.83
N ASP A 82 15.23 -8.50 -12.38
CA ASP A 82 16.61 -8.41 -11.89
C ASP A 82 17.36 -9.70 -12.14
N THR A 83 18.53 -9.55 -12.79
CA THR A 83 19.41 -10.68 -13.13
C THR A 83 19.94 -11.45 -11.91
N PHE A 84 19.99 -10.78 -10.76
CA PHE A 84 20.60 -11.39 -9.56
C PHE A 84 19.58 -11.95 -8.58
N GLY A 85 18.30 -11.81 -8.89
CA GLY A 85 17.22 -12.16 -7.94
C GLY A 85 16.98 -11.14 -6.82
N SER A 86 17.32 -9.88 -7.06
CA SER A 86 17.10 -8.76 -6.15
C SER A 86 15.84 -7.96 -6.52
N GLN A 87 14.77 -8.13 -5.75
CA GLN A 87 13.51 -7.45 -5.97
C GLN A 87 12.82 -7.40 -4.62
N HIS A 88 11.91 -6.44 -4.48
CA HIS A 88 10.97 -6.39 -3.37
C HIS A 88 9.71 -7.22 -3.72
N TYR A 89 9.30 -8.12 -2.84
CA TYR A 89 8.07 -8.88 -3.07
C TYR A 89 6.80 -8.18 -2.59
N LEU A 90 5.85 -7.96 -3.49
CA LEU A 90 4.69 -7.13 -3.16
C LEU A 90 3.40 -7.91 -2.90
N SER A 91 3.49 -9.23 -2.76
CA SER A 91 2.33 -9.99 -2.36
C SER A 91 2.69 -11.19 -1.50
N ASP A 92 1.69 -11.83 -0.88
CA ASP A 92 1.88 -13.15 -0.32
C ASP A 92 2.29 -14.16 -1.40
N VAL A 93 2.72 -15.35 -1.00
CA VAL A 93 3.10 -16.35 -1.96
C VAL A 93 1.97 -17.35 -2.15
N TYR A 94 1.77 -17.71 -3.42
CA TYR A 94 0.71 -18.58 -3.85
C TYR A 94 1.30 -19.82 -4.50
N LEU A 95 0.66 -20.99 -4.29
CA LEU A 95 1.13 -22.24 -4.88
C LEU A 95 0.00 -23.07 -5.46
N ARG A 96 0.30 -23.86 -6.49
CA ARG A 96 -0.68 -24.75 -7.09
C ARG A 96 -0.03 -25.98 -7.71
N GLN A 97 -0.75 -27.10 -7.65
CA GLN A 97 -0.29 -28.40 -8.20
C GLN A 97 -0.74 -28.69 -9.65
N ALA A 98 -1.84 -29.45 -9.76
CA ALA A 98 -2.34 -29.93 -11.06
C ALA A 98 -3.80 -29.57 -11.25
N GLY A 100 -5.64 -27.89 -10.12
CA GLY A 100 -5.58 -27.40 -8.75
C GLY A 100 -5.57 -25.86 -8.72
N ASP A 101 -6.45 -25.31 -7.89
CA ASP A 101 -6.49 -23.86 -7.61
C ASP A 101 -5.24 -23.36 -6.89
N TRP A 102 -4.97 -22.06 -7.00
CA TRP A 102 -3.92 -21.44 -6.21
C TRP A 102 -4.32 -21.36 -4.75
N GLN A 103 -3.34 -21.30 -3.86
CA GLN A 103 -3.60 -21.21 -2.43
C GLN A 103 -2.43 -20.54 -1.75
N CYS A 104 -2.63 -20.15 -0.50
CA CYS A 104 -1.60 -19.47 0.24
C CYS A 104 -1.44 -20.12 1.60
N PRO A 105 -0.46 -21.06 1.71
CA PRO A 105 -0.30 -21.83 2.95
C PRO A 105 0.31 -20.98 4.02
N ASP A 106 0.08 -21.37 5.26
CA ASP A 106 0.83 -20.82 6.41
C ASP A 106 2.34 -21.03 6.22
N PHE A 107 3.13 -20.43 7.10
CA PHE A 107 4.61 -20.42 7.00
C PHE A 107 5.29 -21.80 6.97
N GLU A 108 5.01 -22.61 7.97
CA GLU A 108 5.53 -23.98 8.02
C GLU A 108 5.18 -24.82 6.76
N PRO A 109 3.88 -24.94 6.38
CA PRO A 109 3.65 -25.67 5.12
C PRO A 109 4.33 -24.98 3.93
N LEU A 110 4.30 -23.66 3.91
CA LEU A 110 4.91 -22.92 2.78
C LEU A 110 6.40 -23.21 2.69
N VAL A 111 7.09 -23.20 3.81
CA VAL A 111 8.48 -23.62 3.83
C VAL A 111 8.64 -25.07 3.40
N ALA A 112 7.78 -25.95 3.91
CA ALA A 112 7.88 -27.37 3.65
C ALA A 112 7.85 -27.63 2.16
N ARG A 113 6.85 -27.11 1.46
CA ARG A 113 6.70 -27.36 0.02
C ARG A 113 7.78 -26.74 -0.83
N LEU A 114 8.25 -25.53 -0.50
CA LEU A 114 9.41 -24.96 -1.19
C LEU A 114 10.63 -25.85 -1.01
N LEU A 115 10.89 -26.25 0.23
CA LEU A 115 12.02 -27.13 0.51
C LEU A 115 11.94 -28.38 -0.35
N ALA A 116 10.80 -29.06 -0.27
CA ALA A 116 10.62 -30.31 -1.00
C ALA A 116 10.96 -30.11 -2.47
N ALA A 117 10.55 -29.00 -3.05
CA ALA A 117 10.82 -28.75 -4.46
C ALA A 117 12.32 -28.61 -4.74
N CYS A 118 13.03 -27.86 -3.90
CA CYS A 118 14.48 -27.74 -4.10
C CYS A 118 15.20 -29.07 -3.86
N GLU A 119 14.64 -29.92 -3.01
CA GLU A 119 15.21 -31.22 -2.71
C GLU A 119 15.06 -32.21 -3.86
N HIS A 120 13.92 -32.11 -4.56
N HIS A 120 13.90 -32.14 -4.55
CA HIS A 120 13.63 -32.93 -5.73
CA HIS A 120 13.62 -32.92 -5.75
C HIS A 120 14.49 -32.57 -6.95
C HIS A 120 14.63 -32.60 -6.83
N ILE A 121 14.91 -31.31 -7.03
CA ILE A 121 15.93 -30.89 -8.02
C ILE A 121 17.26 -31.57 -7.66
N ALA A 122 17.66 -31.43 -6.39
CA ALA A 122 18.94 -31.90 -5.89
C ALA A 122 19.05 -33.43 -5.75
N GLY A 123 17.90 -34.11 -5.60
CA GLY A 123 17.85 -35.55 -5.31
C GLY A 123 18.18 -35.89 -3.85
N ARG A 124 18.30 -34.88 -3.00
CA ARG A 124 18.67 -35.10 -1.60
C ARG A 124 17.81 -34.26 -0.64
N LYS A 125 17.47 -34.87 0.49
CA LYS A 125 16.65 -34.21 1.50
C LYS A 125 17.51 -33.74 2.67
N ASN A 126 17.11 -32.62 3.29
CA ASN A 126 17.77 -32.14 4.48
C ASN A 126 16.73 -31.67 5.51
N PRO A 127 16.13 -32.64 6.24
CA PRO A 127 15.15 -32.26 7.25
C PRO A 127 15.81 -31.43 8.37
N GLU A 128 17.12 -31.57 8.55
CA GLU A 128 17.81 -30.82 9.59
C GLU A 128 17.84 -29.30 9.26
N LEU A 129 17.94 -28.97 7.98
CA LEU A 129 17.84 -27.61 7.52
C LEU A 129 16.42 -27.05 7.67
N TYR A 130 15.42 -27.89 7.39
CA TYR A 130 14.03 -27.56 7.72
C TYR A 130 13.82 -27.08 9.17
N GLU A 131 14.15 -27.92 10.16
CA GLU A 131 14.08 -27.50 11.58
C GLU A 131 14.88 -26.23 11.84
N GLN A 132 16.04 -26.12 11.20
CA GLN A 132 16.85 -24.90 11.26
C GLN A 132 16.12 -23.67 10.69
N ILE A 133 15.40 -23.82 9.57
CA ILE A 133 14.52 -22.72 9.08
C ILE A 133 13.42 -22.25 10.07
N LEU A 134 12.69 -23.20 10.66
CA LEU A 134 11.70 -22.87 11.69
C LEU A 134 12.35 -22.23 12.92
N GLN A 135 13.37 -22.89 13.44
CA GLN A 135 14.10 -22.38 14.58
C GLN A 135 14.55 -20.93 14.37
N SER A 136 15.18 -20.59 13.24
CA SER A 136 15.61 -19.22 12.91
C SER A 136 14.47 -18.19 12.85
N GLN A 137 13.34 -18.61 12.30
CA GLN A 137 12.20 -17.69 12.25
C GLN A 137 11.70 -17.35 13.66
N ARG A 138 11.64 -18.36 14.53
CA ARG A 138 11.26 -18.13 15.95
C ARG A 138 12.18 -17.17 16.73
N LEU A 139 13.48 -17.33 16.61
CA LEU A 139 14.40 -16.35 17.20
C LEU A 139 14.12 -14.96 16.66
N VAL A 140 13.81 -14.87 15.37
CA VAL A 140 13.51 -13.56 14.79
C VAL A 140 12.24 -12.98 15.37
N SER A 141 11.24 -13.86 15.57
CA SER A 141 9.99 -13.47 16.25
C SER A 141 10.23 -12.81 17.61
N ALA A 142 10.89 -13.52 18.51
CA ALA A 142 11.41 -12.94 19.76
C ALA A 142 12.21 -11.63 19.57
N ILE A 143 13.04 -11.54 18.51
CA ILE A 143 13.93 -10.38 18.34
C ILE A 143 13.12 -9.17 17.97
N VAL A 144 12.17 -9.36 17.05
CA VAL A 144 11.32 -8.26 16.61
C VAL A 144 10.44 -7.76 17.79
N SER A 145 9.94 -8.70 18.58
CA SER A 145 9.14 -8.33 19.73
C SER A 145 9.95 -7.66 20.85
N HIS A 146 11.16 -8.15 21.13
CA HIS A 146 12.05 -7.46 22.10
C HIS A 146 12.44 -6.05 21.67
N ASN A 147 12.64 -5.83 20.37
CA ASN A 147 13.19 -4.53 19.86
C ASN A 147 12.18 -3.62 19.17
N GLY A 148 10.95 -4.13 19.12
CA GLY A 148 9.91 -3.59 18.27
C GLY A 148 9.39 -2.23 18.65
N ARG A 149 9.86 -1.69 19.76
CA ARG A 149 9.37 -0.41 20.25
C ARG A 149 10.36 0.73 20.03
N GLN A 150 11.61 0.43 19.76
CA GLN A 150 12.57 1.49 19.45
C GLN A 150 12.30 2.04 18.05
N ARG A 151 12.76 3.27 17.81
CA ARG A 151 12.68 3.87 16.48
C ARG A 151 13.38 2.98 15.43
N ALA A 152 12.67 2.66 14.34
CA ALA A 152 13.11 1.66 13.36
C ALA A 152 14.53 1.81 12.80
N ASP A 153 15.04 3.04 12.76
CA ASP A 153 16.40 3.27 12.30
C ASP A 153 17.44 3.51 13.42
N ALA A 154 17.05 3.24 14.67
CA ALA A 154 18.01 3.29 15.80
C ALA A 154 19.30 2.44 15.57
N PRO A 155 19.20 1.27 14.91
CA PRO A 155 20.43 0.52 14.69
C PRO A 155 21.49 1.22 13.84
N LEU A 156 21.19 2.38 13.28
CA LEU A 156 22.13 3.03 12.36
C LEU A 156 22.82 4.22 13.01
N GLN A 157 22.49 4.49 14.27
CA GLN A 157 23.01 5.64 14.97
C GLN A 157 24.33 5.44 15.76
N HIS A 158 24.73 4.20 16.06
CA HIS A 158 25.97 3.89 16.81
CA HIS A 158 25.99 3.93 16.75
C HIS A 158 26.57 2.59 16.29
N TYR A 159 27.89 2.43 16.40
CA TYR A 159 28.55 1.26 15.81
C TYR A 159 28.11 -0.09 16.42
N LEU A 160 27.98 -0.10 17.75
CA LEU A 160 27.60 -1.32 18.45
C LEU A 160 26.15 -1.68 18.13
N GLN A 161 25.33 -0.65 18.10
CA GLN A 161 23.95 -0.77 17.77
C GLN A 161 23.75 -1.38 16.39
N SER A 162 24.65 -1.01 15.47
CA SER A 162 24.66 -1.47 14.09
C SER A 162 25.08 -2.93 14.04
N GLU A 163 25.95 -3.34 14.96
CA GLU A 163 26.34 -4.73 15.03
C GLU A 163 25.21 -5.59 15.64
N GLN A 164 24.41 -4.94 16.48
CA GLN A 164 23.43 -5.57 17.32
C GLN A 164 22.06 -5.63 16.65
N GLY A 165 21.81 -4.76 15.69
CA GLY A 165 20.49 -4.62 15.04
C GLY A 165 20.38 -5.24 13.65
N LEU A 166 21.21 -6.25 13.33
CA LEU A 166 20.97 -7.09 12.16
C LEU A 166 19.82 -8.11 12.47
N TRP A 167 18.63 -7.54 12.65
CA TRP A 167 17.49 -8.28 13.19
C TRP A 167 17.28 -9.60 12.47
N PHE A 168 17.43 -9.56 11.13
CA PHE A 168 17.17 -10.65 10.15
C PHE A 168 18.36 -11.47 9.62
N GLY A 169 19.60 -10.99 9.88
CA GLY A 169 20.82 -11.70 9.50
C GLY A 169 21.10 -11.61 8.02
N HIS A 170 21.82 -12.59 7.48
CA HIS A 170 22.04 -12.74 6.02
C HIS A 170 20.69 -12.84 5.24
N PRO A 171 20.40 -11.84 4.41
CA PRO A 171 19.12 -11.78 3.72
C PRO A 171 18.94 -12.79 2.57
N SER A 172 19.96 -13.58 2.26
CA SER A 172 19.84 -14.60 1.19
C SER A 172 20.35 -15.92 1.73
N HIS A 173 19.65 -16.42 2.75
CA HIS A 173 20.05 -17.59 3.51
C HIS A 173 18.77 -18.18 4.09
N PRO A 174 18.68 -19.52 4.15
CA PRO A 174 17.39 -20.05 4.59
C PRO A 174 17.20 -20.11 6.10
N ALA A 175 18.28 -19.91 6.85
CA ALA A 175 18.30 -20.04 8.32
C ALA A 175 19.32 -19.06 8.99
N PRO A 176 19.17 -17.75 8.73
CA PRO A 176 20.17 -16.74 9.12
C PRO A 176 20.49 -16.66 10.60
N LYS A 177 19.55 -17.04 11.45
CA LYS A 177 19.69 -16.82 12.87
C LYS A 177 19.82 -18.10 13.65
N ALA A 178 20.06 -19.21 12.94
CA ALA A 178 20.11 -20.57 13.53
C ALA A 178 21.49 -20.87 14.12
N ARG A 179 21.53 -21.16 15.43
CA ARG A 179 22.80 -21.24 16.21
C ARG A 179 22.76 -22.40 17.19
N LEU A 180 23.50 -23.44 16.86
CA LEU A 180 23.37 -24.74 17.50
C LEU A 180 24.29 -24.87 18.71
N TRP A 181 24.02 -24.12 19.78
CA TRP A 181 24.75 -24.36 21.01
C TRP A 181 24.12 -25.62 21.58
N PRO A 182 24.83 -26.28 22.51
CA PRO A 182 24.18 -27.28 23.30
C PRO A 182 22.86 -26.79 23.83
N ALA A 183 21.80 -27.55 23.56
CA ALA A 183 20.47 -27.24 24.08
C ALA A 183 20.50 -27.31 25.61
N HIS A 184 20.59 -26.12 26.23
CA HIS A 184 20.60 -25.90 27.69
C HIS A 184 21.34 -24.62 28.06
N LEU A 185 22.20 -24.14 27.14
CA LEU A 185 22.99 -22.94 27.36
C LEU A 185 22.23 -21.65 27.02
N GLY A 186 21.03 -21.80 26.42
CA GLY A 186 20.11 -20.69 26.06
C GLY A 186 20.49 -19.98 24.76
N GLN A 187 19.66 -19.02 24.35
CA GLN A 187 19.93 -18.20 23.17
C GLN A 187 20.04 -16.70 23.50
N GLU A 188 19.21 -16.25 24.42
CA GLU A 188 19.17 -14.83 24.77
C GLU A 188 20.50 -14.33 25.33
N GLN A 189 21.19 -15.15 26.12
CA GLN A 189 22.37 -14.67 26.86
C GLN A 189 23.52 -14.28 25.94
N TRP A 190 23.54 -14.84 24.72
CA TRP A 190 24.69 -14.70 23.82
C TRP A 190 24.36 -13.93 22.55
N ALA A 191 23.13 -13.46 22.46
CA ALA A 191 22.63 -12.88 21.23
C ALA A 191 22.83 -11.39 21.25
N PRO A 192 23.54 -10.82 20.26
CA PRO A 192 23.71 -9.37 20.12
C PRO A 192 22.38 -8.63 19.93
N GLU A 193 21.43 -9.31 19.31
CA GLU A 193 20.04 -8.82 19.20
C GLU A 193 19.27 -8.67 20.52
N PHE A 194 19.74 -9.30 21.60
CA PHE A 194 19.17 -9.00 22.92
C PHE A 194 20.10 -8.11 23.80
N GLN A 195 20.99 -7.36 23.11
CA GLN A 195 22.04 -6.51 23.70
C GLN A 195 22.82 -7.29 24.73
N ALA A 196 23.21 -8.51 24.38
CA ALA A 196 23.89 -9.40 25.29
C ALA A 196 25.18 -8.82 25.75
N ARG A 197 25.46 -9.02 27.04
CA ARG A 197 26.78 -8.73 27.55
C ARG A 197 27.22 -9.91 28.39
N ALA A 198 28.51 -10.04 28.65
CA ALA A 198 29.01 -11.16 29.45
C ALA A 198 30.42 -10.90 29.87
N ALA A 199 30.81 -11.33 31.06
CA ALA A 199 32.22 -11.49 31.34
C ALA A 199 32.75 -12.73 30.68
N LEU A 200 33.92 -12.55 30.06
CA LEU A 200 34.57 -13.60 29.36
C LEU A 200 35.08 -14.62 30.35
N HIS A 201 35.28 -15.87 29.88
CA HIS A 201 35.62 -17.00 30.73
C HIS A 201 37.10 -17.15 30.71
N GLN A 202 37.71 -17.40 31.86
CA GLN A 202 39.19 -17.34 31.94
C GLN A 202 39.82 -18.58 32.51
N PHE A 203 40.99 -18.93 32.01
CA PHE A 203 41.79 -19.98 32.60
C PHE A 203 43.18 -19.42 32.95
N GLU A 204 43.76 -19.93 34.02
CA GLU A 204 45.14 -19.63 34.34
C GLU A 204 45.99 -20.77 33.76
N VAL A 205 47.03 -20.39 33.01
CA VAL A 205 47.82 -21.35 32.24
C VAL A 205 49.34 -21.09 32.32
N PRO A 206 50.14 -22.18 32.31
CA PRO A 206 51.58 -21.97 32.47
C PRO A 206 52.17 -21.32 31.26
N VAL A 207 53.10 -20.38 31.43
CA VAL A 207 53.63 -19.62 30.27
C VAL A 207 54.29 -20.48 29.21
N ASP A 208 54.91 -21.59 29.60
CA ASP A 208 55.67 -22.44 28.66
C ASP A 208 54.88 -23.14 27.51
N GLY A 209 53.55 -23.07 27.54
CA GLY A 209 52.70 -23.52 26.44
C GLY A 209 52.04 -22.40 25.64
N LEU A 210 52.33 -21.14 25.94
CA LEU A 210 51.79 -20.06 25.10
C LEU A 210 52.46 -20.01 23.73
N HIS A 211 51.64 -19.80 22.71
CA HIS A 211 52.04 -19.58 21.34
C HIS A 211 51.47 -18.23 21.04
N ILE A 212 52.34 -17.23 20.90
CA ILE A 212 51.97 -15.84 20.72
C ILE A 212 52.52 -15.29 19.40
N GLY A 213 51.64 -14.73 18.57
CA GLY A 213 52.04 -13.99 17.39
C GLY A 213 51.70 -12.53 17.62
N ALA A 214 52.69 -11.67 17.38
CA ALA A 214 52.54 -10.22 17.56
C ALA A 214 53.31 -9.42 16.49
N ASN A 215 52.64 -8.45 15.87
CA ASN A 215 53.26 -7.46 14.99
C ASN A 215 53.09 -6.08 15.59
N GLY A 216 54.20 -5.44 15.99
CA GLY A 216 54.17 -4.09 16.56
C GLY A 216 53.94 -4.08 18.05
N LEU A 217 53.73 -5.26 18.63
CA LEU A 217 53.50 -5.39 20.07
C LEU A 217 54.43 -6.43 20.70
N THR A 218 54.68 -6.26 22.00
CA THR A 218 55.46 -7.21 22.77
C THR A 218 54.52 -8.32 23.22
N PRO A 219 55.05 -9.53 23.46
CA PRO A 219 54.18 -10.59 23.97
C PRO A 219 53.25 -10.17 25.10
N GLN A 220 53.79 -9.42 26.05
CA GLN A 220 53.02 -8.97 27.20
C GLN A 220 51.85 -8.05 26.89
N GLN A 221 51.99 -7.21 25.87
CA GLN A 221 50.89 -6.36 25.45
C GLN A 221 49.78 -7.17 24.79
N VAL A 222 50.18 -8.24 24.11
CA VAL A 222 49.23 -9.15 23.49
C VAL A 222 48.35 -9.82 24.55
N LEU A 223 48.97 -10.49 25.52
CA LEU A 223 48.25 -10.99 26.71
C LEU A 223 47.26 -10.04 27.37
N ASP A 224 47.71 -8.81 27.68
CA ASP A 224 46.86 -7.83 28.37
C ASP A 224 45.77 -7.29 27.44
N GLY A 225 45.97 -7.49 26.14
CA GLY A 225 44.89 -7.29 25.20
C GLY A 225 43.67 -8.16 25.49
N PHE A 226 43.86 -9.37 26.04
CA PHE A 226 42.71 -10.27 26.30
C PHE A 226 42.19 -10.23 27.72
N ALA A 227 43.09 -9.99 28.68
CA ALA A 227 42.76 -10.12 30.10
C ALA A 227 43.73 -9.32 30.94
N ASP A 228 43.29 -8.97 32.14
CA ASP A 228 44.22 -8.47 33.14
C ASP A 228 45.10 -9.58 33.66
N GLN A 229 46.40 -9.51 33.40
CA GLN A 229 47.35 -10.54 33.80
C GLN A 229 47.70 -10.53 35.30
N GLN A 230 47.18 -9.53 36.03
CA GLN A 230 47.37 -9.40 37.48
C GLN A 230 47.00 -10.62 38.34
N PRO A 231 45.84 -11.26 38.12
CA PRO A 231 45.56 -12.45 38.93
C PRO A 231 46.48 -13.68 38.67
N ALA A 232 47.36 -13.61 37.68
CA ALA A 232 48.19 -14.78 37.37
C ALA A 232 49.29 -14.89 38.41
N SER A 233 49.72 -16.12 38.68
CA SER A 233 50.85 -16.32 39.58
C SER A 233 52.10 -16.50 38.72
N PRO A 234 53.30 -16.47 39.32
CA PRO A 234 54.54 -16.51 38.53
C PRO A 234 54.62 -17.68 37.52
N GLY A 235 55.14 -17.41 36.31
CA GLY A 235 55.18 -18.43 35.25
C GLY A 235 53.80 -18.90 34.74
N HIS A 236 52.77 -18.10 34.99
CA HIS A 236 51.45 -18.37 34.47
C HIS A 236 50.86 -17.13 33.83
N ALA A 237 49.92 -17.33 32.90
CA ALA A 237 49.10 -16.22 32.36
C ALA A 237 47.62 -16.54 32.39
N ILE A 238 46.82 -15.53 32.09
CA ILE A 238 45.38 -15.61 31.96
C ILE A 238 45.00 -15.50 30.49
N ILE A 239 44.47 -16.57 29.91
CA ILE A 239 43.91 -16.47 28.55
C ILE A 239 42.42 -16.36 28.76
N CYS A 240 41.70 -15.92 27.74
CA CYS A 240 40.26 -15.74 27.86
C CYS A 240 39.55 -16.32 26.65
N MET A 241 38.20 -16.36 26.72
CA MET A 241 37.40 -17.33 25.93
C MET A 241 35.86 -17.14 25.97
N HIS A 242 35.18 -17.27 24.82
CA HIS A 242 33.69 -17.36 24.83
C HIS A 242 33.18 -18.31 25.94
N PRO A 243 32.24 -17.87 26.79
CA PRO A 243 31.92 -18.78 27.89
C PRO A 243 31.25 -20.13 27.43
N VAL A 244 30.57 -20.13 26.29
CA VAL A 244 30.04 -21.37 25.71
C VAL A 244 31.13 -22.31 25.22
N GLN A 245 32.16 -21.73 24.59
CA GLN A 245 33.34 -22.47 24.17
C GLN A 245 34.12 -23.13 25.33
N ALA A 246 34.32 -22.40 26.43
CA ALA A 246 34.82 -22.98 27.68
C ALA A 246 33.93 -24.16 28.18
N GLN A 247 32.61 -24.06 28.00
CA GLN A 247 31.75 -25.20 28.32
C GLN A 247 32.15 -26.41 27.43
N LEU A 248 32.24 -26.21 26.12
CA LEU A 248 32.68 -27.26 25.22
C LEU A 248 34.12 -27.73 25.45
N PHE A 249 35.08 -26.79 25.45
CA PHE A 249 36.48 -27.06 25.79
C PHE A 249 36.58 -27.92 27.06
N MET A 250 35.79 -27.65 28.08
CA MET A 250 35.88 -28.48 29.29
C MET A 250 35.20 -29.88 29.23
N GLN A 251 34.52 -30.19 28.12
CA GLN A 251 34.02 -31.57 27.85
C GLN A 251 35.13 -32.60 27.68
N ASP A 252 36.25 -32.14 27.17
CA ASP A 252 37.24 -33.03 26.64
C ASP A 252 38.03 -33.58 27.79
N ALA A 253 38.41 -34.84 27.61
CA ALA A 253 39.11 -35.60 28.62
C ALA A 253 40.52 -35.07 28.92
N ARG A 254 41.15 -34.47 27.88
CA ARG A 254 42.47 -33.87 27.94
C ARG A 254 42.43 -32.63 28.81
N VAL A 255 41.37 -31.82 28.69
CA VAL A 255 41.20 -30.67 29.53
C VAL A 255 40.91 -31.13 30.94
N GLN A 256 39.98 -32.07 31.13
CA GLN A 256 39.66 -32.53 32.46
C GLN A 256 40.95 -32.95 33.14
N GLN A 257 41.83 -33.61 32.41
CA GLN A 257 43.04 -34.16 33.00
C GLN A 257 43.97 -33.02 33.51
N LEU A 258 43.95 -31.87 32.87
CA LEU A 258 44.80 -30.75 33.32
C LEU A 258 44.22 -30.12 34.56
N LEU A 259 42.89 -30.10 34.62
CA LEU A 259 42.14 -29.60 35.76
C LEU A 259 42.41 -30.39 37.04
N ARG A 260 42.38 -31.72 36.95
CA ARG A 260 42.67 -32.59 38.12
C ARG A 260 44.12 -32.48 38.59
N ASP A 261 45.04 -32.24 37.65
CA ASP A 261 46.47 -32.17 37.95
C ASP A 261 46.89 -30.76 38.34
N ASN A 262 45.94 -29.82 38.35
CA ASN A 262 46.16 -28.38 38.63
C ASN A 262 47.22 -27.72 37.71
N VAL A 263 47.36 -28.23 36.49
CA VAL A 263 48.26 -27.62 35.52
C VAL A 263 47.68 -26.28 35.03
N ILE A 264 46.37 -26.28 34.78
CA ILE A 264 45.61 -25.07 34.44
C ILE A 264 44.56 -24.93 35.53
N ARG A 265 44.05 -23.70 35.72
CA ARG A 265 42.91 -23.46 36.60
C ARG A 265 41.76 -22.82 35.86
N ASP A 266 40.53 -23.19 36.23
CA ASP A 266 39.32 -22.57 35.71
C ASP A 266 38.89 -21.40 36.60
N LEU A 267 38.85 -20.21 36.03
CA LEU A 267 38.50 -19.02 36.79
C LEU A 267 37.08 -18.54 36.48
N GLY A 268 36.28 -19.34 35.78
CA GLY A 268 34.90 -18.93 35.55
C GLY A 268 34.81 -17.69 34.69
N GLN A 269 33.68 -16.98 34.79
CA GLN A 269 33.42 -15.77 34.04
C GLN A 269 33.89 -14.51 34.83
N SER A 270 35.17 -14.14 34.65
CA SER A 270 35.78 -13.10 35.49
C SER A 270 36.60 -12.13 34.66
N GLY A 271 36.55 -12.32 33.35
CA GLY A 271 37.27 -11.51 32.42
C GLY A 271 36.45 -10.29 32.10
N ARG A 272 37.00 -9.43 31.25
CA ARG A 272 36.25 -8.30 30.74
C ARG A 272 34.80 -8.67 30.38
N VAL A 273 33.87 -7.82 30.79
CA VAL A 273 32.54 -7.78 30.25
C VAL A 273 32.59 -7.15 28.87
N ALA A 274 32.06 -7.88 27.89
CA ALA A 274 32.10 -7.44 26.52
C ALA A 274 30.79 -7.75 25.88
N SER A 275 30.61 -7.26 24.66
CA SER A 275 29.35 -7.40 23.94
C SER A 275 29.65 -8.17 22.67
N PRO A 276 28.96 -9.29 22.46
CA PRO A 276 29.22 -9.95 21.17
C PRO A 276 28.78 -9.08 19.98
N THR A 277 29.33 -9.31 18.81
CA THR A 277 28.94 -8.59 17.62
C THR A 277 28.29 -9.60 16.69
N ALA A 278 27.83 -9.17 15.51
CA ALA A 278 27.03 -10.00 14.59
C ALA A 278 27.59 -11.38 14.23
N SER A 279 28.92 -11.54 14.20
CA SER A 279 29.52 -12.84 13.98
C SER A 279 29.52 -13.71 15.23
N ILE A 280 28.97 -13.24 16.35
CA ILE A 280 28.75 -14.05 17.58
C ILE A 280 30.00 -14.43 18.40
N ARG A 281 31.00 -14.95 17.72
CA ARG A 281 32.26 -15.25 18.40
C ARG A 281 33.28 -14.07 18.53
N THR A 282 32.88 -12.86 18.14
CA THR A 282 33.80 -11.69 18.21
C THR A 282 33.20 -10.61 19.09
N TRP A 283 33.93 -10.25 20.15
CA TRP A 283 33.46 -9.34 21.20
C TRP A 283 34.01 -7.92 21.06
N PHE A 284 33.12 -6.97 21.28
CA PHE A 284 33.41 -5.57 21.37
C PHE A 284 33.47 -5.14 22.85
N ILE A 285 34.53 -4.41 23.22
CA ILE A 285 34.55 -3.66 24.48
C ILE A 285 34.63 -2.16 24.17
N ASP A 286 33.64 -1.39 24.61
CA ASP A 286 33.66 0.07 24.39
C ASP A 286 34.99 0.67 24.91
N ASP A 287 35.56 1.63 24.20
CA ASP A 287 36.78 2.28 24.67
C ASP A 287 37.81 1.23 25.17
N HIS A 288 38.11 0.24 24.33
CA HIS A 288 39.25 -0.66 24.54
C HIS A 288 39.98 -0.65 23.22
N ASP A 289 41.30 -0.83 23.26
CA ASP A 289 42.10 -0.85 22.01
C ASP A 289 41.73 -1.95 20.98
N TYR A 290 41.08 -3.01 21.44
CA TYR A 290 40.87 -4.20 20.61
C TYR A 290 39.49 -4.84 20.73
N PHE A 291 39.08 -5.51 19.65
CA PHE A 291 38.03 -6.55 19.64
C PHE A 291 38.70 -7.88 20.01
N ILE A 292 37.95 -8.79 20.63
CA ILE A 292 38.48 -10.10 20.89
C ILE A 292 37.72 -11.09 20.03
N LYS A 293 38.45 -11.87 19.25
CA LYS A 293 37.88 -12.82 18.33
C LYS A 293 38.35 -14.21 18.82
N GLY A 294 37.43 -15.00 19.39
CA GLY A 294 37.81 -16.31 19.91
C GLY A 294 37.35 -17.42 19.01
N SER A 295 37.78 -18.65 19.26
CA SER A 295 37.12 -19.81 18.65
C SER A 295 35.72 -20.08 19.26
N LEU A 296 34.84 -20.66 18.47
CA LEU A 296 33.52 -21.10 18.92
C LEU A 296 33.12 -22.38 18.15
N ASN A 297 33.37 -23.50 18.79
CA ASN A 297 33.23 -24.83 18.19
C ASN A 297 31.74 -25.23 18.13
N VAL A 298 30.96 -24.38 17.49
CA VAL A 298 29.52 -24.51 17.41
C VAL A 298 29.19 -24.15 15.99
N ARG A 299 28.13 -24.75 15.47
CA ARG A 299 27.71 -24.45 14.11
C ARG A 299 26.74 -23.26 14.05
N ILE A 300 27.21 -22.15 13.48
CA ILE A 300 26.42 -20.95 13.29
C ILE A 300 26.34 -20.72 11.80
N THR A 301 25.11 -20.71 11.27
CA THR A 301 24.88 -20.58 9.84
C THR A 301 25.52 -21.81 9.17
N ASN A 302 26.28 -21.55 8.10
CA ASN A 302 26.81 -22.62 7.22
C ASN A 302 28.20 -23.23 7.59
N CYS A 303 28.78 -22.82 8.71
CA CYS A 303 30.12 -23.29 9.12
C CYS A 303 30.34 -23.43 10.65
N VAL A 304 31.45 -24.08 11.00
CA VAL A 304 31.91 -24.17 12.37
C VAL A 304 32.84 -22.96 12.54
N ARG A 305 32.67 -22.20 13.62
CA ARG A 305 33.48 -20.99 13.81
C ARG A 305 34.68 -21.19 14.73
N LYS A 306 35.60 -22.06 14.30
CA LYS A 306 36.92 -22.18 14.90
C LYS A 306 37.97 -21.34 14.14
N ASN A 307 38.83 -20.69 14.91
CA ASN A 307 40.14 -20.32 14.46
C ASN A 307 40.92 -21.63 14.38
N ALA A 308 41.16 -22.10 13.15
CA ALA A 308 41.98 -23.30 12.95
C ALA A 308 43.43 -23.00 13.35
N TRP A 309 44.23 -24.04 13.62
CA TRP A 309 45.57 -23.82 14.12
C TRP A 309 46.40 -23.09 13.04
N TYR A 310 46.21 -23.48 11.79
CA TYR A 310 46.89 -22.87 10.66
C TYR A 310 46.34 -21.47 10.31
N GLU A 311 45.05 -21.21 10.61
CA GLU A 311 44.51 -19.84 10.43
C GLU A 311 45.13 -18.87 11.43
N LEU A 312 45.48 -19.36 12.62
CA LEU A 312 46.15 -18.55 13.63
C LEU A 312 47.59 -18.19 13.23
N GLU A 313 48.28 -19.07 12.50
CA GLU A 313 49.60 -18.73 12.00
C GLU A 313 49.45 -17.71 10.86
N SER A 314 48.50 -17.93 9.96
CA SER A 314 48.38 -17.08 8.76
C SER A 314 47.89 -15.65 9.04
N THR A 315 47.08 -15.49 10.10
CA THR A 315 46.57 -14.17 10.51
C THR A 315 47.77 -13.24 10.66
N VAL A 316 48.74 -13.71 11.46
CA VAL A 316 50.03 -13.06 11.70
C VAL A 316 50.69 -12.58 10.41
N LEU A 317 50.84 -13.49 9.46
CA LEU A 317 51.47 -13.18 8.18
C LEU A 317 50.69 -12.22 7.25
N ILE A 318 49.35 -12.30 7.27
CA ILE A 318 48.48 -11.42 6.46
C ILE A 318 48.48 -10.01 7.07
N ASP A 319 48.56 -9.93 8.39
CA ASP A 319 48.65 -8.66 9.10
C ASP A 319 50.03 -8.01 8.90
N ARG A 320 51.11 -8.81 8.90
CA ARG A 320 52.46 -8.33 8.58
C ARG A 320 52.41 -7.79 7.16
N LEU A 321 51.86 -8.58 6.25
CA LEU A 321 51.69 -8.22 4.85
C LEU A 321 50.89 -6.95 4.61
N PHE A 322 49.77 -6.78 5.31
CA PHE A 322 48.91 -5.64 5.09
C PHE A 322 49.59 -4.40 5.57
N ARG A 323 50.39 -4.54 6.61
CA ARG A 323 51.09 -3.38 7.16
C ARG A 323 52.12 -2.87 6.14
N GLN A 324 52.88 -3.78 5.53
CA GLN A 324 53.87 -3.47 4.50
C GLN A 324 53.26 -2.77 3.30
N LEU A 325 52.23 -3.40 2.74
CA LEU A 325 51.45 -2.78 1.67
C LEU A 325 50.97 -1.37 2.03
N LEU A 326 50.19 -1.24 3.08
CA LEU A 326 49.73 0.08 3.53
C LEU A 326 50.85 1.12 3.70
N ASP A 327 52.08 0.65 3.86
CA ASP A 327 53.21 1.51 4.22
C ASP A 327 54.14 1.88 3.04
N GLN A 328 54.53 0.88 2.26
CA GLN A 328 55.38 1.11 1.10
C GLN A 328 54.56 1.28 -0.17
N HIS A 329 53.55 0.43 -0.35
CA HIS A 329 52.84 0.38 -1.64
C HIS A 329 51.50 1.15 -1.65
N ALA A 330 51.39 2.19 -0.84
CA ALA A 330 50.16 2.99 -0.77
C ALA A 330 49.48 3.26 -2.13
N ASP A 331 50.22 3.85 -3.07
CA ASP A 331 49.69 4.24 -4.39
C ASP A 331 49.02 3.13 -5.21
N THR A 332 49.26 1.87 -4.87
CA THR A 332 48.70 0.75 -5.62
C THR A 332 47.51 0.08 -4.91
N LEU A 333 47.08 0.68 -3.80
CA LEU A 333 46.12 0.08 -2.87
C LEU A 333 44.70 0.62 -2.98
N GLY A 334 44.51 1.62 -3.85
CA GLY A 334 43.19 2.14 -4.19
C GLY A 334 42.47 2.80 -3.04
N GLY A 335 43.21 3.16 -2.01
CA GLY A 335 42.61 3.88 -0.87
C GLY A 335 42.11 2.97 0.24
N LEU A 336 42.77 1.81 0.41
CA LEU A 336 42.34 0.77 1.34
C LEU A 336 42.41 1.25 2.75
N VAL A 337 41.35 0.92 3.49
CA VAL A 337 41.29 1.03 4.94
C VAL A 337 40.84 -0.37 5.42
N ALA A 338 41.62 -0.94 6.35
CA ALA A 338 41.45 -2.29 6.84
C ALA A 338 41.79 -2.34 8.32
N ALA A 339 40.97 -3.08 9.07
CA ALA A 339 41.23 -3.26 10.50
C ALA A 339 42.41 -4.19 10.63
N ALA A 340 43.32 -3.83 11.51
CA ALA A 340 44.53 -4.61 11.68
C ALA A 340 44.24 -5.73 12.68
N GLU A 341 45.05 -6.79 12.65
CA GLU A 341 44.93 -7.90 13.56
C GLU A 341 46.34 -8.21 14.09
N PRO A 342 46.84 -7.34 14.98
CA PRO A 342 48.24 -7.30 15.42
C PRO A 342 48.72 -8.37 16.39
N GLY A 343 47.79 -8.99 17.13
CA GLY A 343 48.18 -10.02 18.09
C GLY A 343 47.27 -11.25 18.07
N VAL A 344 47.83 -12.37 18.48
CA VAL A 344 47.23 -13.66 18.34
C VAL A 344 47.74 -14.58 19.45
N VAL A 345 46.84 -15.11 20.29
CA VAL A 345 47.26 -15.98 21.39
C VAL A 345 46.59 -17.32 21.36
N SER A 346 47.38 -18.34 21.74
CA SER A 346 46.90 -19.70 21.99
C SER A 346 47.79 -20.48 22.96
N TRP A 347 47.23 -21.51 23.59
CA TRP A 347 47.95 -22.32 24.55
C TRP A 347 47.86 -23.82 24.25
N SER A 348 48.98 -24.54 24.45
CA SER A 348 48.92 -26.00 24.60
C SER A 348 50.01 -26.55 25.46
N PRO A 349 49.78 -27.73 26.06
CA PRO A 349 50.77 -28.27 27.00
C PRO A 349 52.09 -28.39 26.30
N ALA A 350 53.17 -27.94 26.92
CA ALA A 350 54.52 -27.97 26.28
C ALA A 350 54.91 -29.38 25.84
N ALA A 351 54.41 -30.41 26.53
CA ALA A 351 54.78 -31.78 26.21
C ALA A 351 53.73 -32.58 25.42
N ALA A 352 52.76 -31.90 24.84
CA ALA A 352 51.80 -32.51 23.93
C ALA A 352 52.41 -32.73 22.54
N GLY A 353 51.95 -33.74 21.82
CA GLY A 353 52.37 -33.93 20.43
C GLY A 353 51.58 -33.08 19.47
N GLU A 354 51.99 -33.08 18.20
CA GLU A 354 51.27 -32.35 17.16
C GLU A 354 49.75 -32.43 17.22
N LEU A 355 49.16 -33.64 17.15
CA LEU A 355 47.67 -33.73 17.16
C LEU A 355 47.05 -33.04 18.37
N ASP A 356 47.52 -33.36 19.57
CA ASP A 356 46.93 -32.75 20.79
C ASP A 356 47.16 -31.23 20.84
N SER A 357 48.26 -30.79 20.26
CA SER A 357 48.69 -29.43 20.37
C SER A 357 47.83 -28.60 19.45
N HIS A 358 47.59 -29.13 18.27
CA HIS A 358 46.76 -28.48 17.27
C HIS A 358 45.37 -28.29 17.81
N TRP A 359 44.81 -29.34 18.41
CA TRP A 359 43.46 -29.27 18.94
C TRP A 359 43.44 -28.31 20.11
N PHE A 360 44.36 -28.45 21.07
CA PHE A 360 44.41 -27.43 22.11
C PHE A 360 44.45 -26.00 21.53
N ARG A 361 45.25 -25.78 20.47
CA ARG A 361 45.40 -24.40 19.94
C ARG A 361 44.14 -23.83 19.31
N GLU A 362 43.33 -24.70 18.71
CA GLU A 362 42.04 -24.27 18.13
C GLU A 362 40.97 -24.00 19.16
N GLN A 363 40.97 -24.73 20.27
CA GLN A 363 40.02 -24.40 21.37
C GLN A 363 40.37 -23.05 22.05
N THR A 364 41.67 -22.76 22.13
CA THR A 364 42.15 -21.63 22.92
C THR A 364 42.49 -20.43 22.06
N GLY A 365 42.55 -20.63 20.75
CA GLY A 365 42.86 -19.57 19.80
C GLY A 365 42.25 -18.22 20.11
N GLY A 366 43.06 -17.18 20.16
CA GLY A 366 42.51 -15.85 20.27
C GLY A 366 43.14 -14.89 19.29
N ILE A 367 42.29 -14.06 18.68
CA ILE A 367 42.76 -13.04 17.79
C ILE A 367 42.34 -11.67 18.27
N LEU A 368 43.32 -10.75 18.33
CA LEU A 368 43.06 -9.34 18.64
C LEU A 368 42.86 -8.56 17.34
N ARG A 369 41.83 -7.72 17.30
CA ARG A 369 41.60 -6.86 16.15
C ARG A 369 41.37 -5.46 16.66
N GLU A 370 42.01 -4.51 15.98
CA GLU A 370 41.99 -3.11 16.35
C GLU A 370 40.59 -2.52 16.39
N ASN A 371 40.23 -1.95 17.52
CA ASN A 371 39.00 -1.17 17.62
C ASN A 371 39.08 0.09 16.75
N PHE A 372 38.75 -0.06 15.47
CA PHE A 372 38.72 1.08 14.55
C PHE A 372 37.89 2.29 15.00
N CYS A 373 36.91 2.08 15.88
CA CYS A 373 36.08 3.17 16.45
C CYS A 373 36.89 4.19 17.24
N ARG A 374 38.10 3.83 17.62
CA ARG A 374 39.06 4.78 18.22
C ARG A 374 39.56 5.80 17.18
N ARG A 375 39.83 5.35 15.95
CA ARG A 375 40.09 6.27 14.84
C ARG A 375 38.77 6.86 14.36
N THR A 376 37.82 5.98 14.04
CA THR A 376 36.63 6.38 13.26
C THR A 376 35.52 7.11 14.02
N GLY A 377 35.46 6.97 15.34
CA GLY A 377 34.32 7.48 16.13
C GLY A 377 33.11 6.56 16.08
N ALA A 378 32.56 6.23 17.25
CA ALA A 378 31.43 5.30 17.43
C ALA A 378 30.16 5.68 16.68
N GLU A 379 29.87 6.98 16.68
CA GLU A 379 28.73 7.56 15.98
C GLU A 379 28.96 7.82 14.48
N ARG A 380 30.16 7.54 13.96
CA ARG A 380 30.40 7.73 12.52
C ARG A 380 30.62 6.41 11.79
N SER A 381 30.20 5.29 12.41
CA SER A 381 30.55 3.96 11.91
C SER A 381 29.41 2.93 11.98
N ILE A 382 29.20 2.26 10.86
CA ILE A 382 28.07 1.37 10.66
C ILE A 382 28.46 0.12 9.81
N MET A 383 28.24 -1.09 10.38
CA MET A 383 28.41 -2.32 9.63
C MET A 383 27.48 -2.30 8.42
N ALA A 384 27.99 -2.74 7.28
CA ALA A 384 27.26 -2.53 6.03
C ALA A 384 25.99 -3.34 6.02
N GLY A 385 26.09 -4.58 6.52
CA GLY A 385 24.97 -5.50 6.59
C GLY A 385 23.72 -4.84 7.10
N THR A 386 23.84 -4.17 8.22
CA THR A 386 22.75 -3.41 8.82
C THR A 386 22.39 -2.16 8.00
N LEU A 387 23.39 -1.36 7.61
CA LEU A 387 23.20 -0.17 6.81
C LEU A 387 22.17 -0.41 5.72
N PHE A 388 22.23 -1.58 5.07
CA PHE A 388 21.31 -1.91 3.97
C PHE A 388 20.25 -2.96 4.35
N ALA A 389 19.89 -3.03 5.63
CA ALA A 389 18.90 -4.02 6.09
C ALA A 389 17.51 -3.46 6.41
N ARG A 390 16.57 -4.37 6.67
CA ARG A 390 15.24 -3.91 7.01
C ARG A 390 15.19 -3.65 8.57
N GLY A 391 14.51 -2.57 8.97
CA GLY A 391 14.20 -2.29 10.38
C GLY A 391 13.09 -3.21 10.83
N VAL A 392 12.62 -3.04 12.06
CA VAL A 392 11.61 -3.92 12.70
C VAL A 392 10.25 -3.77 12.04
N ASP A 393 10.11 -2.70 11.24
CA ASP A 393 8.94 -2.42 10.41
C ASP A 393 9.01 -2.98 8.98
N LEU A 394 10.06 -3.74 8.70
CA LEU A 394 10.39 -4.25 7.35
C LEU A 394 10.68 -3.18 6.30
N GLN A 395 10.91 -1.93 6.70
CA GLN A 395 11.35 -0.93 5.73
C GLN A 395 12.89 -0.79 5.70
N PRO A 396 13.48 -0.59 4.51
CA PRO A 396 14.95 -0.34 4.41
C PRO A 396 15.39 0.82 5.27
N MET A 397 16.17 0.54 6.30
CA MET A 397 16.55 1.54 7.29
C MET A 397 17.32 2.71 6.69
N ILE A 398 17.96 2.51 5.55
CA ILE A 398 18.75 3.57 4.95
C ILE A 398 17.90 4.77 4.49
N GLN A 399 16.65 4.53 4.07
CA GLN A 399 15.73 5.61 3.68
C GLN A 399 15.64 6.69 4.78
N THR A 400 15.12 6.33 5.95
CA THR A 400 15.06 7.29 7.05
C THR A 400 16.44 7.85 7.45
N PHE A 401 17.47 7.02 7.50
CA PHE A 401 18.83 7.50 7.80
C PHE A 401 19.26 8.66 6.90
N LEU A 402 19.02 8.54 5.60
CA LEU A 402 19.49 9.56 4.67
C LEU A 402 18.64 10.82 4.69
N ARG A 403 17.32 10.66 4.73
CA ARG A 403 16.39 11.81 4.81
C ARG A 403 16.70 12.68 6.04
N THR A 404 17.15 12.05 7.13
CA THR A 404 17.47 12.75 8.37
C THR A 404 18.72 13.59 8.16
N HIS A 405 19.80 12.94 7.72
CA HIS A 405 21.08 13.60 7.50
C HIS A 405 21.05 14.62 6.33
N TYR A 406 20.07 14.50 5.44
CA TYR A 406 19.93 15.43 4.31
C TYR A 406 18.84 16.48 4.52
N GLY A 407 18.28 16.53 5.73
CA GLY A 407 17.18 17.44 6.03
C GLY A 407 15.89 17.05 5.33
N GLU A 408 15.93 16.99 4.00
CA GLU A 408 14.73 16.78 3.20
C GLU A 408 14.69 15.39 2.61
N ALA A 409 13.61 15.10 1.88
CA ALA A 409 13.51 13.90 1.03
C ALA A 409 14.51 13.92 -0.14
N LEU A 410 15.28 12.85 -0.28
CA LEU A 410 16.29 12.75 -1.35
C LEU A 410 15.64 12.54 -2.72
N ASP A 411 16.00 13.37 -3.70
CA ASP A 411 15.56 13.15 -5.09
C ASP A 411 16.41 12.06 -5.78
N ASP A 412 16.00 11.63 -6.97
CA ASP A 412 16.80 10.66 -7.74
C ASP A 412 18.31 10.99 -7.74
N ASN A 413 18.68 12.21 -8.16
CA ASN A 413 20.11 12.58 -8.22
C ASN A 413 20.84 12.31 -6.90
N ALA A 414 20.26 12.82 -5.82
CA ALA A 414 20.77 12.65 -4.46
C ALA A 414 21.13 11.19 -4.18
N LEU A 415 20.25 10.26 -4.55
CA LEU A 415 20.50 8.84 -4.34
C LEU A 415 21.62 8.28 -5.24
N LEU A 416 21.56 8.59 -6.53
CA LEU A 416 22.67 8.26 -7.46
C LEU A 416 24.03 8.84 -7.03
N TYR A 417 24.03 10.05 -6.48
CA TYR A 417 25.29 10.63 -5.98
C TYR A 417 25.85 9.82 -4.82
N TRP A 418 25.01 9.59 -3.81
CA TRP A 418 25.37 8.78 -2.63
C TRP A 418 25.82 7.37 -3.04
N PHE A 419 25.10 6.74 -3.96
CA PHE A 419 25.54 5.44 -4.42
C PHE A 419 26.94 5.52 -5.00
N ASP A 420 27.17 6.53 -5.83
CA ASP A 420 28.41 6.72 -6.56
C ASP A 420 29.60 6.87 -5.61
N ASP A 421 29.43 7.65 -4.55
CA ASP A 421 30.50 7.77 -3.55
C ASP A 421 30.72 6.48 -2.74
N TYR A 422 29.71 5.62 -2.70
CA TYR A 422 29.79 4.39 -1.95
C TYR A 422 30.49 3.29 -2.73
N GLN A 423 29.97 2.92 -3.89
CA GLN A 423 30.58 1.82 -4.62
C GLN A 423 32.07 2.08 -5.00
N THR A 424 32.39 3.34 -5.35
CA THR A 424 33.78 3.71 -5.67
C THR A 424 34.78 3.34 -4.56
N ARG A 425 34.47 3.74 -3.33
CA ARG A 425 35.27 3.39 -2.14
C ARG A 425 35.26 1.90 -1.69
N LEU A 426 34.27 1.11 -2.15
CA LEU A 426 34.30 -0.34 -1.97
C LEU A 426 35.11 -1.00 -3.06
N LEU A 427 34.83 -0.67 -4.32
CA LEU A 427 35.48 -1.30 -5.48
C LEU A 427 36.97 -1.05 -5.65
N ARG A 428 37.43 0.20 -5.47
CA ARG A 428 38.84 0.49 -5.78
C ARG A 428 39.85 -0.32 -4.94
N PRO A 429 39.79 -0.21 -3.58
CA PRO A 429 40.62 -1.09 -2.72
C PRO A 429 40.59 -2.59 -3.11
N VAL A 430 39.40 -3.16 -3.26
CA VAL A 430 39.27 -4.60 -3.45
C VAL A 430 39.93 -5.02 -4.74
N LEU A 431 39.54 -4.37 -5.83
CA LEU A 431 40.13 -4.66 -7.16
C LEU A 431 41.62 -4.25 -7.24
N SER A 432 41.97 -3.11 -6.64
CA SER A 432 43.39 -2.76 -6.50
C SER A 432 44.19 -3.89 -5.84
N LEU A 433 43.70 -4.45 -4.72
CA LEU A 433 44.41 -5.56 -4.01
C LEU A 433 44.54 -6.87 -4.77
N PHE A 434 43.57 -7.17 -5.62
CA PHE A 434 43.52 -8.45 -6.32
C PHE A 434 44.30 -8.48 -7.63
N PHE A 435 44.28 -7.37 -8.36
CA PHE A 435 44.97 -7.37 -9.63
C PHE A 435 46.41 -6.95 -9.44
N ASN A 436 46.67 -5.90 -8.66
CA ASN A 436 48.03 -5.42 -8.41
C ASN A 436 48.86 -6.40 -7.57
N HIS A 437 48.26 -6.90 -6.49
CA HIS A 437 48.99 -7.71 -5.50
C HIS A 437 48.58 -9.20 -5.34
N GLY A 438 47.45 -9.63 -5.94
CA GLY A 438 46.97 -11.01 -5.83
C GLY A 438 46.44 -11.32 -4.44
N VAL A 439 46.05 -10.27 -3.70
CA VAL A 439 45.50 -10.39 -2.36
C VAL A 439 43.95 -10.50 -2.49
N VAL A 440 43.41 -11.68 -2.20
CA VAL A 440 41.96 -11.93 -2.31
C VAL A 440 41.25 -11.63 -0.99
N MET A 441 40.46 -10.56 -0.96
CA MET A 441 39.69 -10.21 0.23
C MET A 441 38.31 -10.88 0.17
N GLU A 442 37.57 -10.81 1.27
CA GLU A 442 36.23 -11.34 1.29
C GLU A 442 35.19 -10.25 1.63
N PRO A 443 35.05 -9.25 0.74
CA PRO A 443 34.29 -8.02 1.04
C PRO A 443 32.76 -8.10 1.06
N HIS A 444 32.16 -9.18 1.59
CA HIS A 444 30.69 -9.24 1.80
C HIS A 444 30.26 -8.23 2.86
N LEU A 445 28.95 -8.04 3.00
CA LEU A 445 28.35 -7.06 3.93
C LEU A 445 28.81 -7.02 5.40
N GLN A 446 29.28 -8.13 5.95
CA GLN A 446 29.66 -8.16 7.37
C GLN A 446 31.15 -7.92 7.52
N ASN A 447 31.90 -8.11 6.45
CA ASN A 447 33.34 -7.77 6.48
C ASN A 447 33.60 -6.34 6.10
N SER A 448 32.55 -5.51 6.15
CA SER A 448 32.59 -4.10 5.71
C SER A 448 31.96 -3.14 6.71
N VAL A 449 32.62 -2.01 6.94
CA VAL A 449 32.09 -0.97 7.83
C VAL A 449 32.16 0.35 7.07
N LEU A 450 31.08 1.11 7.07
CA LEU A 450 31.05 2.40 6.45
C LEU A 450 31.40 3.48 7.47
N VAL A 451 32.48 4.21 7.21
CA VAL A 451 32.78 5.46 7.94
C VAL A 451 32.15 6.64 7.17
N HIS A 452 31.25 7.38 7.81
CA HIS A 452 30.44 8.42 7.14
C HIS A 452 30.52 9.72 7.92
N GLN A 453 30.29 10.84 7.25
CA GLN A 453 30.25 12.15 7.89
C GLN A 453 28.94 12.84 7.57
N GLN A 454 28.09 12.99 8.59
CA GLN A 454 26.71 13.43 8.38
C GLN A 454 26.03 12.66 7.26
N GLY A 455 26.31 11.36 7.18
CA GLY A 455 25.69 10.48 6.18
C GLY A 455 26.37 10.44 4.84
N ARG A 456 27.28 11.38 4.60
CA ARG A 456 28.09 11.35 3.39
C ARG A 456 29.26 10.37 3.56
N PRO A 457 29.33 9.37 2.68
CA PRO A 457 30.23 8.23 2.87
C PRO A 457 31.72 8.57 2.67
N GLN A 458 32.56 8.18 3.62
CA GLN A 458 33.93 8.67 3.71
C GLN A 458 34.92 7.57 3.44
N GLN A 459 34.86 6.51 4.24
CA GLN A 459 35.64 5.31 4.00
C GLN A 459 34.72 4.08 4.02
N VAL A 460 35.14 3.03 3.35
CA VAL A 460 34.61 1.71 3.54
C VAL A 460 35.75 0.85 4.08
N LEU A 461 35.79 0.72 5.39
CA LEU A 461 36.79 -0.10 6.06
C LEU A 461 36.47 -1.57 5.86
N LEU A 462 37.50 -2.38 5.71
CA LEU A 462 37.38 -3.78 5.36
C LEU A 462 38.09 -4.60 6.39
N ARG A 463 37.57 -5.81 6.63
CA ARG A 463 38.02 -6.59 7.78
C ARG A 463 37.96 -8.09 7.57
N ASP A 464 38.68 -8.79 8.44
CA ASP A 464 38.63 -10.25 8.57
C ASP A 464 39.65 -10.96 7.71
N PHE A 465 40.74 -11.34 8.38
CA PHE A 465 41.93 -11.93 7.73
C PHE A 465 41.86 -13.45 7.57
N GLU A 466 41.05 -14.09 8.42
CA GLU A 466 40.69 -15.47 8.28
C GLU A 466 40.41 -15.84 6.82
N GLY A 467 39.49 -15.14 6.16
CA GLY A 467 39.25 -15.39 4.74
C GLY A 467 39.95 -14.54 3.66
N VAL A 468 41.12 -13.96 3.98
CA VAL A 468 42.00 -13.40 2.96
C VAL A 468 42.77 -14.54 2.30
N LYS A 469 42.78 -14.60 0.98
CA LYS A 469 43.64 -15.57 0.30
C LYS A 469 44.70 -14.92 -0.62
N LEU A 470 45.66 -15.72 -1.05
CA LEU A 470 46.70 -15.20 -1.93
C LEU A 470 46.77 -16.09 -3.16
N THR A 471 46.86 -15.48 -4.35
CA THR A 471 46.78 -16.27 -5.59
C THR A 471 48.09 -17.00 -5.88
N ASP A 472 48.01 -18.06 -6.66
CA ASP A 472 49.21 -18.81 -7.02
C ASP A 472 50.17 -18.02 -7.92
N ASP A 473 49.64 -17.32 -8.91
CA ASP A 473 50.48 -16.56 -9.84
C ASP A 473 51.12 -15.34 -9.19
N LEU A 474 50.46 -14.79 -8.19
CA LEU A 474 50.86 -13.48 -7.68
C LEU A 474 50.89 -13.38 -6.13
N GLY A 475 49.72 -13.49 -5.50
CA GLY A 475 49.62 -13.30 -4.06
C GLY A 475 50.57 -14.14 -3.24
N ILE A 476 50.75 -15.40 -3.61
CA ILE A 476 51.57 -16.29 -2.80
C ILE A 476 53.06 -15.91 -2.77
N ARG A 477 53.48 -15.05 -3.70
CA ARG A 477 54.84 -14.51 -3.74
C ARG A 477 55.19 -13.73 -2.47
N TYR A 478 54.19 -13.24 -1.75
CA TYR A 478 54.46 -12.38 -0.58
C TYR A 478 54.87 -13.12 0.70
N ILE A 479 54.81 -14.45 0.68
CA ILE A 479 55.13 -15.27 1.85
C ILE A 479 56.51 -15.96 1.78
N ASP A 480 57.25 -15.92 2.89
CA ASP A 480 58.62 -16.47 2.99
C ASP A 480 58.65 -18.02 3.03
N ASP A 481 59.21 -18.64 1.98
CA ASP A 481 59.07 -20.10 1.72
C ASP A 481 59.41 -21.11 2.84
N ASP A 482 59.85 -20.61 3.98
CA ASP A 482 59.97 -21.41 5.21
C ASP A 482 58.70 -21.27 6.07
N ILE A 483 57.61 -21.88 5.62
CA ILE A 483 56.31 -21.81 6.29
C ILE A 483 55.74 -23.22 6.31
N HIS A 484 55.05 -23.61 7.39
CA HIS A 484 54.45 -24.96 7.44
C HIS A 484 53.58 -25.19 6.18
N PRO A 485 53.77 -26.32 5.51
CA PRO A 485 52.95 -26.64 4.33
C PRO A 485 51.43 -26.42 4.51
N ARG A 486 50.89 -26.71 5.69
CA ARG A 486 49.46 -26.62 5.94
C ARG A 486 48.97 -25.15 5.97
N VAL A 487 49.81 -24.27 6.51
CA VAL A 487 49.54 -22.83 6.60
C VAL A 487 49.47 -22.25 5.19
N ARG A 488 50.33 -22.74 4.31
CA ARG A 488 50.36 -22.24 2.94
C ARG A 488 49.22 -22.84 2.11
N GLN A 489 48.94 -24.13 2.29
CA GLN A 489 47.78 -24.73 1.68
C GLN A 489 46.52 -23.94 1.99
N SER A 490 46.41 -23.41 3.21
CA SER A 490 45.24 -22.65 3.66
C SER A 490 45.07 -21.29 2.99
N LEU A 491 46.18 -20.63 2.69
CA LEU A 491 46.24 -19.31 2.08
C LEU A 491 46.14 -19.39 0.55
N LEU A 492 46.53 -20.53 0.01
CA LEU A 492 46.66 -20.66 -1.44
C LEU A 492 45.34 -20.88 -2.22
N TYR A 493 44.90 -19.81 -2.89
CA TYR A 493 43.89 -19.89 -3.95
C TYR A 493 44.46 -19.81 -5.39
N SER A 494 43.80 -20.47 -6.35
CA SER A 494 44.11 -20.23 -7.78
C SER A 494 43.48 -18.92 -8.15
N ARG A 495 44.01 -18.28 -9.17
CA ARG A 495 43.53 -16.96 -9.63
C ARG A 495 42.02 -16.97 -9.90
N GLU A 496 41.55 -18.07 -10.47
CA GLU A 496 40.14 -18.22 -10.77
C GLU A 496 39.28 -18.51 -9.52
N GLN A 497 39.82 -19.27 -8.58
CA GLN A 497 39.12 -19.44 -7.33
C GLN A 497 38.97 -18.05 -6.73
N GLY A 498 40.09 -17.34 -6.61
CA GLY A 498 40.10 -15.95 -6.19
C GLY A 498 39.10 -15.05 -6.90
N TRP A 499 38.97 -15.20 -8.21
CA TRP A 499 38.09 -14.27 -8.95
C TRP A 499 36.61 -14.56 -8.69
N ASN A 500 36.22 -15.84 -8.63
CA ASN A 500 34.85 -16.21 -8.26
C ASN A 500 34.44 -15.58 -6.92
N ARG A 501 35.25 -15.77 -5.89
CA ARG A 501 34.92 -15.18 -4.62
C ARG A 501 34.63 -13.67 -4.74
N ILE A 502 35.56 -12.90 -5.30
CA ILE A 502 35.43 -11.44 -5.32
C ILE A 502 34.18 -11.01 -6.05
N MET A 503 33.92 -11.61 -7.20
CA MET A 503 32.71 -11.38 -7.96
C MET A 503 31.47 -11.61 -7.10
N TYR A 504 31.40 -12.74 -6.40
CA TYR A 504 30.23 -13.00 -5.55
C TYR A 504 30.07 -11.92 -4.49
N CYS A 505 31.16 -11.63 -3.78
CA CYS A 505 31.12 -10.68 -2.68
C CYS A 505 30.82 -9.27 -3.11
N LEU A 506 31.58 -8.74 -4.06
CA LEU A 506 31.38 -7.37 -4.54
C LEU A 506 30.00 -7.12 -5.12
N PHE A 507 29.53 -7.99 -6.02
CA PHE A 507 28.36 -7.61 -6.78
C PHE A 507 27.04 -8.30 -6.39
N ILE A 508 27.06 -9.60 -6.04
CA ILE A 508 25.81 -10.28 -5.66
C ILE A 508 25.50 -10.10 -4.15
N ASN A 509 26.43 -10.46 -3.28
CA ASN A 509 26.28 -10.21 -1.86
C ASN A 509 26.13 -8.73 -1.52
N HIS A 510 26.90 -7.85 -2.15
CA HIS A 510 27.07 -6.49 -1.56
C HIS A 510 26.28 -5.36 -2.24
N LEU A 511 26.75 -4.95 -3.41
CA LEU A 511 26.13 -3.86 -4.18
C LEU A 511 24.69 -4.16 -4.57
N SER A 512 24.42 -5.40 -4.93
CA SER A 512 23.05 -5.79 -5.21
C SER A 512 22.16 -5.40 -4.03
N GLU A 513 22.49 -5.87 -2.82
CA GLU A 513 21.87 -5.37 -1.56
C GLU A 513 21.89 -3.83 -1.35
N THR A 514 23.03 -3.17 -1.65
CA THR A 514 23.13 -1.71 -1.55
C THR A 514 22.05 -1.10 -2.39
N ILE A 515 21.94 -1.61 -3.61
CA ILE A 515 21.08 -1.07 -4.65
C ILE A 515 19.61 -1.32 -4.36
N LEU A 516 19.27 -2.52 -3.90
CA LEU A 516 17.89 -2.89 -3.54
C LEU A 516 17.35 -2.11 -2.36
N ALA A 517 18.25 -1.73 -1.47
CA ALA A 517 17.86 -0.97 -0.31
C ALA A 517 17.66 0.51 -0.70
N LEU A 518 18.65 1.11 -1.35
CA LEU A 518 18.61 2.51 -1.72
C LEU A 518 17.41 2.72 -2.62
N SER A 519 17.14 1.75 -3.50
CA SER A 519 16.18 1.98 -4.57
C SER A 519 14.77 1.43 -4.29
N GLN A 520 14.40 1.31 -3.02
CA GLN A 520 13.05 0.92 -2.69
C GLN A 520 12.01 1.92 -3.20
N GLY A 521 10.92 1.41 -3.80
CA GLY A 521 9.84 2.29 -4.26
C GLY A 521 10.22 3.06 -5.51
N ARG A 522 11.49 2.99 -5.89
CA ARG A 522 11.99 3.58 -7.16
C ARG A 522 12.87 2.62 -7.99
N PRO A 523 12.26 1.52 -8.50
CA PRO A 523 13.02 0.48 -9.17
C PRO A 523 13.74 0.93 -10.45
N GLN A 524 13.38 2.10 -10.97
CA GLN A 524 13.99 2.57 -12.20
C GLN A 524 15.41 3.14 -12.00
N LEU A 525 15.86 3.20 -10.75
CA LEU A 525 17.23 3.60 -10.46
C LEU A 525 18.20 2.45 -10.58
N ALA A 526 17.71 1.22 -10.45
CA ALA A 526 18.61 0.05 -10.46
C ALA A 526 19.52 0.02 -11.72
N PRO A 527 18.92 0.11 -12.94
CA PRO A 527 19.77 0.12 -14.16
C PRO A 527 20.71 1.32 -14.26
N LEU A 528 20.29 2.48 -13.77
CA LEU A 528 21.16 3.63 -13.77
C LEU A 528 22.32 3.30 -12.87
N MET A 529 22.02 2.72 -11.70
CA MET A 529 23.05 2.36 -10.72
C MET A 529 23.99 1.26 -11.20
N TRP A 530 23.47 0.26 -11.89
CA TRP A 530 24.34 -0.76 -12.45
C TRP A 530 25.24 -0.24 -13.56
N ARG A 531 24.76 0.81 -14.27
CA ARG A 531 25.56 1.50 -15.30
C ARG A 531 26.70 2.28 -14.69
N ARG A 532 26.46 2.94 -13.55
CA ARG A 532 27.52 3.67 -12.86
C ARG A 532 28.58 2.69 -12.38
N VAL A 533 28.13 1.53 -11.90
CA VAL A 533 29.04 0.42 -11.50
C VAL A 533 29.99 0.02 -12.63
N GLN A 534 29.42 -0.09 -13.84
CA GLN A 534 30.15 -0.54 -15.06
C GLN A 534 31.22 0.48 -15.53
N GLN A 535 30.86 1.76 -15.52
CA GLN A 535 31.78 2.80 -15.89
C GLN A 535 32.94 2.81 -14.91
N GLN A 536 32.67 2.35 -13.70
CA GLN A 536 33.63 2.42 -12.62
C GLN A 536 34.66 1.32 -12.76
N LEU A 537 34.23 0.17 -13.24
CA LEU A 537 35.14 -0.93 -13.53
C LEU A 537 36.17 -0.52 -14.60
N ARG A 538 35.67 0.06 -15.72
CA ARG A 538 36.51 0.59 -16.81
C ARG A 538 37.52 1.62 -16.32
N ALA A 539 37.08 2.48 -15.40
CA ALA A 539 37.93 3.51 -14.82
C ALA A 539 39.08 2.86 -14.06
N ILE A 540 38.75 2.06 -13.07
CA ILE A 540 39.72 1.37 -12.23
C ILE A 540 40.72 0.55 -13.06
N GLN A 541 40.25 0.00 -14.16
CA GLN A 541 41.09 -0.83 -15.01
C GLN A 541 42.26 -0.03 -15.60
N GLY A 542 41.95 1.12 -16.18
CA GLY A 542 42.99 1.98 -16.75
C GLY A 542 43.96 2.50 -15.71
N GLU A 543 43.73 2.13 -14.45
CA GLU A 543 44.53 2.55 -13.30
C GLU A 543 45.34 1.38 -12.71
N LEU A 544 45.04 0.16 -13.13
CA LEU A 544 45.74 -1.02 -12.59
C LEU A 544 47.15 -1.14 -13.14
N LYS A 545 48.07 -1.61 -12.29
CA LYS A 545 49.48 -1.81 -12.63
C LYS A 545 49.75 -3.19 -13.25
N GLN A 546 48.77 -4.09 -13.22
CA GLN A 546 48.93 -5.43 -13.81
C GLN A 546 47.75 -5.76 -14.73
N PRO A 547 47.89 -6.74 -15.63
CA PRO A 547 46.71 -7.08 -16.46
C PRO A 547 45.50 -7.68 -15.71
N SER A 548 44.32 -7.50 -16.32
CA SER A 548 43.04 -7.90 -15.73
C SER A 548 42.09 -8.58 -16.75
N PRO A 549 42.51 -9.71 -17.33
CA PRO A 549 41.60 -10.24 -18.35
C PRO A 549 40.25 -10.64 -17.79
N GLU A 550 40.10 -10.66 -16.46
CA GLU A 550 38.83 -11.10 -15.84
C GLU A 550 37.89 -9.93 -15.70
N LEU A 551 38.47 -8.75 -15.49
CA LEU A 551 37.75 -7.50 -15.39
C LEU A 551 37.15 -7.08 -16.74
N ASP A 552 37.85 -7.44 -17.83
CA ASP A 552 37.37 -7.23 -19.19
C ASP A 552 36.17 -8.10 -19.46
N ALA A 553 36.31 -9.40 -19.20
CA ALA A 553 35.18 -10.33 -19.35
C ALA A 553 33.91 -9.80 -18.64
N LEU A 554 34.10 -9.31 -17.42
CA LEU A 554 33.01 -8.83 -16.58
C LEU A 554 32.34 -7.58 -17.18
N ILE A 555 33.14 -6.58 -17.53
CA ILE A 555 32.70 -5.36 -18.23
C ILE A 555 31.89 -5.60 -19.52
N ALA A 556 32.29 -6.60 -20.30
CA ALA A 556 31.62 -6.95 -21.56
C ALA A 556 30.42 -7.90 -21.31
N GLY A 557 29.92 -7.89 -20.08
CA GLY A 557 28.67 -8.56 -19.70
C GLY A 557 28.63 -10.07 -19.64
N HIS A 558 29.74 -10.71 -19.25
CA HIS A 558 29.79 -12.16 -18.97
C HIS A 558 29.26 -12.47 -17.54
N PRO A 559 28.72 -13.70 -17.32
CA PRO A 559 27.96 -14.05 -16.11
C PRO A 559 28.81 -14.06 -14.83
N VAL A 560 28.23 -13.58 -13.73
CA VAL A 560 28.92 -13.43 -12.45
C VAL A 560 28.74 -14.69 -11.57
N ALA A 561 29.75 -14.98 -10.74
CA ALA A 561 29.74 -16.20 -9.94
C ALA A 561 28.94 -15.97 -8.65
N CYS A 562 28.09 -16.94 -8.30
CA CYS A 562 27.16 -16.79 -7.17
C CYS A 562 27.27 -17.94 -6.22
N LYS A 563 27.56 -17.63 -4.96
CA LYS A 563 27.66 -18.62 -3.89
C LYS A 563 26.27 -19.06 -3.45
N THR A 564 26.18 -20.29 -3.02
CA THR A 564 24.90 -20.85 -2.65
C THR A 564 24.86 -20.96 -1.13
N ASN A 565 23.66 -21.00 -0.57
CA ASN A 565 23.48 -21.17 0.89
C ASN A 565 22.38 -22.18 1.17
N LEU A 566 21.60 -22.52 0.16
CA LEU A 566 20.66 -23.64 0.24
C LEU A 566 21.19 -24.83 -0.58
N LYS A 567 21.72 -24.57 -1.78
CA LYS A 567 22.15 -25.65 -2.65
C LYS A 567 23.29 -26.45 -2.02
N VAL A 568 24.32 -25.74 -1.56
CA VAL A 568 25.44 -26.35 -0.87
C VAL A 568 25.03 -27.10 0.42
N ARG A 569 23.82 -26.85 0.92
CA ARG A 569 23.33 -27.56 2.12
C ARG A 569 22.59 -28.81 1.74
N LEU A 570 22.19 -28.89 0.48
CA LEU A 570 21.49 -30.07 -0.02
C LEU A 570 22.43 -31.06 -0.71
N ALA A 571 23.52 -30.56 -1.31
CA ALA A 571 24.49 -31.40 -2.06
C ALA A 571 25.42 -32.21 -1.13
N ALA A 572 25.88 -33.39 -1.60
CA ALA A 572 26.87 -34.23 -0.90
C ALA A 572 28.10 -33.45 -0.39
N ALA A 578 28.47 -27.37 -7.09
CA ALA A 578 27.28 -27.17 -6.24
C ALA A 578 27.43 -26.08 -5.17
N SER A 579 28.66 -25.76 -4.80
CA SER A 579 28.91 -24.61 -3.93
C SER A 579 28.65 -23.26 -4.65
N TYR A 580 28.70 -23.25 -6.00
CA TYR A 580 28.50 -22.04 -6.82
C TYR A 580 27.57 -22.20 -8.03
N VAL A 581 26.99 -21.08 -8.47
CA VAL A 581 26.25 -21.06 -9.74
C VAL A 581 26.64 -19.80 -10.49
N ARG A 582 26.19 -19.69 -11.73
CA ARG A 582 26.36 -18.47 -12.52
C ARG A 582 25.04 -17.73 -12.75
N LEU A 583 25.06 -16.43 -12.49
CA LEU A 583 23.94 -15.54 -12.76
C LEU A 583 24.32 -14.51 -13.82
N PRO A 584 23.36 -14.17 -14.73
CA PRO A 584 23.58 -13.29 -15.88
C PRO A 584 23.90 -11.87 -15.45
N SER A 585 24.66 -11.14 -16.27
CA SER A 585 25.14 -9.81 -15.90
C SER A 585 24.01 -8.81 -15.83
N PRO A 586 24.08 -7.89 -14.84
CA PRO A 586 23.13 -6.80 -14.78
C PRO A 586 23.19 -6.00 -16.06
N TRP A 587 24.40 -5.57 -16.46
CA TRP A 587 24.51 -4.79 -17.70
C TRP A 587 24.36 -5.61 -18.98
N ASP B 7 -8.30 -2.37 -19.19
CA ASP B 7 -9.38 -3.22 -19.77
C ASP B 7 -9.92 -4.36 -18.87
N VAL B 8 -9.04 -5.29 -18.49
CA VAL B 8 -9.28 -6.22 -17.39
C VAL B 8 -9.21 -5.37 -16.14
N LEU B 9 -8.32 -4.39 -16.20
CA LEU B 9 -8.15 -3.41 -15.18
C LEU B 9 -9.44 -2.63 -14.97
N SER B 10 -10.05 -2.16 -16.05
CA SER B 10 -11.35 -1.51 -16.02
C SER B 10 -12.45 -2.35 -15.37
N ARG B 11 -12.51 -3.63 -15.71
CA ARG B 11 -13.47 -4.54 -15.11
C ARG B 11 -13.14 -4.63 -13.62
N MET B 12 -11.85 -4.70 -13.30
CA MET B 12 -11.49 -4.88 -11.91
C MET B 12 -11.82 -3.67 -11.03
N ILE B 13 -11.52 -2.48 -11.53
CA ILE B 13 -12.01 -1.21 -10.96
C ILE B 13 -13.55 -1.18 -10.77
N SER B 14 -14.32 -1.59 -11.77
CA SER B 14 -15.77 -1.54 -11.64
C SER B 14 -16.28 -2.48 -10.55
N GLU B 15 -15.75 -3.69 -10.50
CA GLU B 15 -16.15 -4.70 -9.48
C GLU B 15 -15.93 -4.27 -8.04
N LYS B 16 -14.85 -3.52 -7.78
CA LYS B 16 -14.54 -3.00 -6.43
C LYS B 16 -15.47 -1.82 -6.10
N ALA B 17 -15.58 -0.89 -7.02
CA ALA B 17 -16.58 0.18 -6.88
C ALA B 17 -18.01 -0.40 -6.59
N ALA B 18 -18.53 -1.29 -7.42
CA ALA B 18 -19.90 -1.84 -7.20
C ALA B 18 -19.96 -2.46 -5.82
N LEU B 19 -19.08 -3.40 -5.58
CA LEU B 19 -18.96 -4.04 -4.28
C LEU B 19 -19.00 -3.06 -3.13
N HIS B 20 -18.20 -2.01 -3.20
CA HIS B 20 -18.21 -1.02 -2.11
C HIS B 20 -19.55 -0.32 -1.98
N GLY B 21 -20.24 -0.13 -3.10
CA GLY B 21 -21.59 0.44 -3.07
C GLY B 21 -22.56 -0.49 -2.33
N LEU B 22 -22.51 -1.77 -2.68
CA LEU B 22 -23.38 -2.79 -2.06
C LEU B 22 -23.15 -2.95 -0.54
N LEU B 23 -21.89 -2.90 -0.09
CA LEU B 23 -21.55 -2.97 1.34
C LEU B 23 -21.99 -1.76 2.15
N ASN B 24 -21.91 -0.57 1.55
CA ASN B 24 -22.48 0.64 2.18
C ASN B 24 -23.95 0.39 2.51
N CYS B 25 -24.68 -0.27 1.60
CA CYS B 25 -26.10 -0.52 1.80
C CYS B 25 -26.32 -1.50 2.90
N LEU B 26 -25.57 -2.60 2.87
CA LEU B 26 -25.69 -3.67 3.88
C LEU B 26 -25.39 -3.11 5.26
N ILE B 27 -24.30 -2.36 5.38
CA ILE B 27 -23.92 -1.82 6.66
C ILE B 27 -24.93 -0.76 7.15
N LYS B 28 -25.39 0.10 6.24
CA LYS B 28 -26.25 1.23 6.62
C LYS B 28 -27.69 0.82 6.88
N GLU B 29 -28.22 -0.04 6.01
CA GLU B 29 -29.64 -0.37 6.02
C GLU B 29 -29.98 -1.53 6.95
N PHE B 30 -29.05 -2.47 7.06
CA PHE B 30 -29.23 -3.68 7.84
C PHE B 30 -28.34 -3.79 9.09
N ALA B 31 -27.03 -3.93 8.89
CA ALA B 31 -26.11 -4.27 10.00
C ALA B 31 -26.07 -3.27 11.15
N ILE B 32 -26.02 -1.97 10.86
CA ILE B 32 -26.00 -1.03 11.98
C ILE B 32 -27.36 -0.95 12.70
N PRO B 33 -28.48 -0.77 11.97
CA PRO B 33 -29.78 -0.68 12.67
C PRO B 33 -30.15 -1.94 13.47
N GLU B 34 -29.90 -3.11 12.89
CA GLU B 34 -30.36 -4.38 13.48
C GLU B 34 -29.41 -4.98 14.56
N GLY B 35 -28.09 -4.73 14.44
CA GLY B 35 -27.13 -5.00 15.53
C GLY B 35 -26.11 -6.04 15.17
N TYR B 36 -25.96 -6.28 13.87
CA TYR B 36 -25.15 -7.37 13.33
C TYR B 36 -23.66 -7.08 13.13
N LEU B 37 -23.20 -5.88 13.49
CA LEU B 37 -21.83 -5.47 13.21
C LEU B 37 -21.03 -5.40 14.50
N ARG B 38 -19.83 -5.97 14.47
CA ARG B 38 -18.82 -5.76 15.53
C ARG B 38 -17.46 -5.47 14.92
N TYR B 39 -16.66 -4.63 15.58
CA TYR B 39 -15.27 -4.34 15.17
C TYR B 39 -14.31 -5.22 15.95
N GLU B 40 -14.04 -6.41 15.43
CA GLU B 40 -13.24 -7.42 16.15
C GLU B 40 -12.69 -8.39 15.11
N TRP B 41 -11.63 -9.11 15.43
CA TRP B 41 -11.05 -10.11 14.53
C TRP B 41 -11.78 -11.44 14.70
N PRO B 42 -11.97 -12.20 13.62
CA PRO B 42 -12.48 -13.54 13.74
C PRO B 42 -11.64 -14.37 14.73
N ASP B 43 -12.29 -15.29 15.43
CA ASP B 43 -11.57 -16.18 16.36
C ASP B 43 -10.61 -17.13 15.63
N GLU B 44 -10.77 -17.22 14.32
CA GLU B 44 -10.04 -18.19 13.50
C GLU B 44 -9.87 -17.65 12.04
N MET B 45 -8.68 -17.16 11.70
CA MET B 45 -8.43 -16.51 10.39
C MET B 45 -8.18 -17.45 9.21
N LYS B 46 -8.49 -18.72 9.34
CA LYS B 46 -8.13 -19.70 8.30
C LYS B 46 -8.79 -19.36 6.98
N GLY B 47 -7.98 -19.26 5.93
CA GLY B 47 -8.49 -18.94 4.59
C GLY B 47 -8.28 -17.48 4.16
N ILE B 48 -7.91 -16.62 5.13
CA ILE B 48 -7.58 -15.22 4.84
C ILE B 48 -6.06 -15.05 4.79
N PRO B 49 -5.54 -14.55 3.67
CA PRO B 49 -4.09 -14.45 3.52
C PRO B 49 -3.51 -13.37 4.42
N PRO B 50 -2.25 -13.54 4.84
CA PRO B 50 -1.66 -12.49 5.73
C PRO B 50 -1.78 -11.10 5.13
N GLY B 51 -1.47 -11.02 3.83
CA GLY B 51 -1.47 -9.77 3.05
C GLY B 51 -2.78 -8.99 3.00
N ALA B 52 -3.89 -9.63 3.40
CA ALA B 52 -5.18 -8.94 3.42
C ALA B 52 -5.34 -8.02 4.64
N TYR B 53 -4.68 -8.34 5.76
CA TYR B 53 -4.81 -7.55 7.01
C TYR B 53 -3.48 -7.08 7.62
N PHE B 54 -2.39 -7.69 7.17
CA PHE B 54 -1.06 -7.28 7.59
C PHE B 54 -0.30 -6.67 6.41
N ASP B 55 0.29 -5.50 6.61
CA ASP B 55 1.02 -4.79 5.52
C ASP B 55 2.57 -4.89 5.57
N GLY B 56 3.12 -5.52 6.62
CA GLY B 56 4.57 -5.57 6.82
C GLY B 56 4.95 -4.99 8.18
N ALA B 57 4.32 -3.88 8.54
CA ALA B 57 4.55 -3.25 9.83
C ALA B 57 3.37 -3.40 10.79
N ASP B 58 2.14 -3.33 10.30
CA ASP B 58 0.98 -3.22 11.19
C ASP B 58 -0.30 -3.82 10.56
N TRP B 59 -1.40 -3.82 11.32
CA TRP B 59 -2.70 -4.11 10.69
C TRP B 59 -3.10 -2.98 9.73
N LYS B 60 -3.67 -3.37 8.59
CA LYS B 60 -4.21 -2.44 7.61
C LYS B 60 -5.53 -1.83 8.09
N GLY B 61 -5.53 -1.09 9.20
CA GLY B 61 -6.80 -0.60 9.75
C GLY B 61 -7.45 -1.48 10.82
N ILE B 62 -8.79 -1.57 10.78
CA ILE B 62 -9.61 -2.16 11.86
C ILE B 62 -10.39 -3.32 11.31
N PRO B 63 -10.44 -4.47 12.03
CA PRO B 63 -11.27 -5.57 11.52
C PRO B 63 -12.77 -5.22 11.59
N MET B 64 -13.53 -5.57 10.55
CA MET B 64 -14.98 -5.43 10.58
C MET B 64 -15.66 -6.77 10.32
N MET B 65 -16.58 -7.13 11.22
CA MET B 65 -17.34 -8.39 11.08
C MET B 65 -18.84 -8.16 11.03
N ILE B 66 -19.51 -8.85 10.14
CA ILE B 66 -20.97 -8.77 10.05
C ILE B 66 -21.57 -10.17 10.19
N GLY B 67 -22.24 -10.40 11.31
CA GLY B 67 -22.97 -11.65 11.54
C GLY B 67 -24.27 -11.61 10.78
N LEU B 68 -24.62 -12.69 10.10
CA LEU B 68 -25.82 -12.69 9.29
C LEU B 68 -26.72 -13.93 9.54
N PRO B 69 -27.97 -13.73 10.07
CA PRO B 69 -28.92 -14.86 10.19
C PRO B 69 -29.03 -15.71 8.90
N ASP B 70 -28.36 -16.87 8.99
CA ASP B 70 -28.23 -17.90 7.94
C ASP B 70 -26.91 -18.66 8.19
N GLN B 71 -26.39 -18.53 9.42
CA GLN B 71 -25.01 -18.92 9.81
C GLN B 71 -23.88 -18.30 8.95
N LEU B 72 -24.11 -17.09 8.40
CA LEU B 72 -23.16 -16.41 7.50
C LEU B 72 -22.33 -15.29 8.14
N GLN B 73 -21.02 -15.35 7.94
CA GLN B 73 -20.14 -14.28 8.41
C GLN B 73 -19.50 -13.53 7.28
N LEU B 74 -19.13 -12.27 7.56
CA LEU B 74 -18.42 -11.42 6.63
C LEU B 74 -17.21 -10.69 7.26
N PHE B 75 -16.04 -10.84 6.63
CA PHE B 75 -14.87 -10.14 7.12
C PHE B 75 -14.38 -9.09 6.12
N VAL B 76 -13.98 -7.93 6.62
CA VAL B 76 -13.39 -6.87 5.80
C VAL B 76 -12.62 -5.91 6.67
N MET B 77 -11.49 -5.43 6.17
CA MET B 77 -10.73 -4.45 6.94
C MET B 77 -11.21 -3.06 6.59
N VAL B 78 -11.35 -2.19 7.57
CA VAL B 78 -11.81 -0.82 7.34
C VAL B 78 -10.86 0.16 8.00
N ASP B 79 -10.98 1.45 7.69
CA ASP B 79 -10.02 2.45 8.15
C ASP B 79 -10.51 3.24 9.35
N ARG B 80 -11.81 3.16 9.64
CA ARG B 80 -12.41 3.87 10.78
C ARG B 80 -13.67 3.18 11.32
N ARG B 81 -14.06 3.50 12.55
CA ARG B 81 -15.40 3.18 13.05
C ARG B 81 -16.30 4.37 12.73
N ASP B 82 -17.45 4.12 12.13
CA ASP B 82 -18.40 5.19 11.86
C ASP B 82 -19.87 4.73 12.02
N THR B 83 -20.67 5.55 12.69
CA THR B 83 -22.06 5.24 13.06
C THR B 83 -23.03 5.35 11.89
N PHE B 84 -22.62 6.08 10.85
CA PHE B 84 -23.38 6.22 9.59
C PHE B 84 -22.86 5.26 8.52
N GLY B 85 -21.93 4.39 8.91
CA GLY B 85 -21.44 3.37 7.99
C GLY B 85 -20.60 3.91 6.86
N SER B 86 -20.01 5.10 7.06
CA SER B 86 -19.06 5.67 6.11
C SER B 86 -17.60 5.32 6.48
N GLN B 87 -16.95 4.46 5.70
CA GLN B 87 -15.56 4.11 5.94
C GLN B 87 -14.96 3.63 4.64
N HIS B 88 -13.63 3.78 4.50
CA HIS B 88 -12.89 3.17 3.40
C HIS B 88 -12.60 1.71 3.73
N TYR B 89 -12.94 0.83 2.80
CA TYR B 89 -12.65 -0.60 2.90
C TYR B 89 -11.27 -0.87 2.34
N LEU B 90 -10.43 -1.53 3.14
CA LEU B 90 -8.99 -1.59 2.88
C LEU B 90 -8.49 -2.99 2.51
N SER B 91 -9.44 -3.92 2.46
CA SER B 91 -9.20 -5.30 2.06
C SER B 91 -10.33 -5.81 1.15
N ASP B 92 -10.13 -6.93 0.47
CA ASP B 92 -11.27 -7.58 -0.18
C ASP B 92 -12.27 -8.09 0.87
N VAL B 93 -13.47 -8.44 0.44
CA VAL B 93 -14.45 -9.01 1.35
C VAL B 93 -14.23 -10.50 1.40
N TYR B 94 -14.25 -11.04 2.61
CA TYR B 94 -14.15 -12.48 2.79
C TYR B 94 -15.44 -12.98 3.45
N LEU B 95 -15.81 -14.24 3.17
CA LEU B 95 -17.06 -14.86 3.69
C LEU B 95 -16.84 -16.29 4.25
N ARG B 96 -17.60 -16.64 5.29
CA ARG B 96 -17.61 -18.02 5.81
C ARG B 96 -19.00 -18.47 6.32
N GLN B 97 -19.31 -19.75 6.14
CA GLN B 97 -20.62 -20.31 6.41
C GLN B 97 -20.58 -21.27 7.60
N GLY B 100 -16.81 -23.02 9.21
CA GLY B 100 -16.20 -23.16 7.88
C GLY B 100 -15.01 -22.22 7.66
N ASP B 101 -14.26 -22.48 6.59
CA ASP B 101 -13.12 -21.64 6.17
C ASP B 101 -13.57 -20.35 5.43
N TRP B 102 -12.76 -19.30 5.56
CA TRP B 102 -13.03 -18.03 4.87
C TRP B 102 -12.70 -18.17 3.38
N GLN B 103 -13.50 -17.54 2.52
CA GLN B 103 -13.25 -17.51 1.05
C GLN B 103 -13.30 -16.10 0.46
N CYS B 104 -12.61 -15.86 -0.65
CA CYS B 104 -12.82 -14.62 -1.40
C CYS B 104 -13.51 -14.89 -2.73
N PRO B 105 -14.85 -14.98 -2.72
CA PRO B 105 -15.60 -15.34 -3.91
C PRO B 105 -15.54 -14.22 -4.94
N ASP B 106 -15.65 -14.59 -6.22
CA ASP B 106 -15.68 -13.61 -7.32
C ASP B 106 -16.81 -12.62 -7.22
N PHE B 107 -16.72 -11.55 -7.99
CA PHE B 107 -17.80 -10.59 -7.97
C PHE B 107 -19.23 -11.20 -7.93
N GLU B 108 -19.65 -11.86 -9.00
CA GLU B 108 -21.06 -12.31 -9.10
C GLU B 108 -21.51 -13.21 -7.92
N PRO B 109 -20.82 -14.36 -7.72
CA PRO B 109 -20.85 -15.23 -6.53
C PRO B 109 -21.00 -14.49 -5.19
N LEU B 110 -20.17 -13.48 -4.99
CA LEU B 110 -20.24 -12.61 -3.81
C LEU B 110 -21.54 -11.79 -3.76
N VAL B 111 -21.94 -11.25 -4.92
CA VAL B 111 -23.18 -10.50 -4.97
C VAL B 111 -24.33 -11.45 -4.65
N ALA B 112 -24.38 -12.58 -5.36
CA ALA B 112 -25.42 -13.59 -5.18
C ALA B 112 -25.62 -13.94 -3.71
N ARG B 113 -24.54 -14.36 -3.03
CA ARG B 113 -24.61 -14.72 -1.60
C ARG B 113 -25.05 -13.56 -0.68
N LEU B 114 -24.44 -12.39 -0.82
CA LEU B 114 -24.83 -11.19 -0.04
C LEU B 114 -26.28 -10.76 -0.24
N LEU B 115 -26.77 -10.82 -1.48
CA LEU B 115 -28.17 -10.48 -1.76
C LEU B 115 -29.10 -11.51 -1.13
N ALA B 116 -28.77 -12.78 -1.31
CA ALA B 116 -29.42 -13.88 -0.64
C ALA B 116 -29.56 -13.59 0.85
N ALA B 117 -28.44 -13.31 1.53
CA ALA B 117 -28.45 -12.96 2.95
C ALA B 117 -29.48 -11.86 3.26
N CYS B 118 -29.53 -10.83 2.42
CA CYS B 118 -30.45 -9.69 2.61
C CYS B 118 -31.90 -10.08 2.39
N GLU B 119 -32.12 -11.07 1.52
CA GLU B 119 -33.45 -11.59 1.24
C GLU B 119 -34.06 -12.39 2.41
N HIS B 120 -33.22 -13.14 3.13
CA HIS B 120 -33.66 -13.83 4.34
C HIS B 120 -34.03 -12.82 5.43
N ILE B 121 -33.15 -11.86 5.70
CA ILE B 121 -33.41 -10.82 6.71
C ILE B 121 -34.70 -10.07 6.39
N ALA B 122 -34.99 -9.96 5.11
CA ALA B 122 -36.10 -9.13 4.63
C ALA B 122 -37.40 -9.91 4.52
N GLY B 123 -37.30 -11.23 4.34
CA GLY B 123 -38.47 -12.09 4.16
C GLY B 123 -39.06 -12.10 2.75
N ARG B 124 -38.50 -11.28 1.87
CA ARG B 124 -38.90 -11.26 0.46
C ARG B 124 -37.68 -11.39 -0.47
N LYS B 125 -37.93 -11.88 -1.69
CA LYS B 125 -36.92 -11.95 -2.75
C LYS B 125 -37.29 -10.96 -3.82
N ASN B 126 -36.30 -10.53 -4.59
CA ASN B 126 -36.54 -9.70 -5.77
C ASN B 126 -35.96 -10.37 -7.01
N PRO B 127 -36.85 -10.74 -7.97
CA PRO B 127 -36.41 -11.44 -9.18
C PRO B 127 -35.44 -10.57 -9.97
N GLU B 128 -35.72 -9.28 -10.01
CA GLU B 128 -35.02 -8.35 -10.89
C GLU B 128 -33.73 -7.72 -10.36
N LEU B 129 -33.63 -7.56 -9.05
CA LEU B 129 -32.49 -6.86 -8.48
C LEU B 129 -31.17 -7.46 -8.90
N TYR B 130 -31.01 -8.77 -8.71
CA TYR B 130 -29.77 -9.43 -9.07
C TYR B 130 -29.21 -9.03 -10.45
N GLU B 131 -30.04 -9.11 -11.48
CA GLU B 131 -29.59 -8.75 -12.83
C GLU B 131 -29.31 -7.25 -12.99
N GLN B 132 -29.94 -6.45 -12.13
CA GLN B 132 -29.66 -5.03 -12.10
C GLN B 132 -28.28 -4.70 -11.50
N ILE B 133 -27.90 -5.44 -10.44
CA ILE B 133 -26.58 -5.23 -9.83
C ILE B 133 -25.46 -5.53 -10.87
N LEU B 134 -25.59 -6.66 -11.58
CA LEU B 134 -24.65 -7.02 -12.62
C LEU B 134 -24.64 -6.10 -13.85
N GLN B 135 -25.82 -5.67 -14.31
CA GLN B 135 -25.94 -4.71 -15.43
C GLN B 135 -25.18 -3.39 -15.15
N SER B 136 -25.42 -2.91 -13.94
CA SER B 136 -24.82 -1.71 -13.42
C SER B 136 -23.29 -1.81 -13.40
N GLN B 137 -22.77 -2.92 -12.90
CA GLN B 137 -21.33 -3.06 -12.87
C GLN B 137 -20.66 -3.19 -14.31
N ARG B 138 -21.37 -3.83 -15.24
CA ARG B 138 -20.90 -3.97 -16.62
C ARG B 138 -20.91 -2.64 -17.38
N LEU B 139 -21.83 -1.73 -17.05
CA LEU B 139 -21.77 -0.37 -17.58
C LEU B 139 -20.56 0.40 -17.04
N VAL B 140 -20.39 0.34 -15.72
CA VAL B 140 -19.34 1.05 -15.03
C VAL B 140 -17.98 0.65 -15.62
N SER B 141 -17.85 -0.63 -15.97
CA SER B 141 -16.67 -1.16 -16.66
C SER B 141 -16.51 -0.54 -18.03
N ALA B 142 -17.59 -0.50 -18.79
CA ALA B 142 -17.52 0.19 -20.08
C ALA B 142 -17.08 1.66 -19.92
N ILE B 143 -17.64 2.33 -18.90
CA ILE B 143 -17.36 3.75 -18.56
C ILE B 143 -15.92 4.02 -18.15
N VAL B 144 -15.42 3.30 -17.15
CA VAL B 144 -14.05 3.38 -16.73
C VAL B 144 -13.11 3.18 -17.90
N SER B 145 -13.39 2.15 -18.70
CA SER B 145 -12.57 1.82 -19.87
C SER B 145 -12.52 2.94 -20.89
N HIS B 146 -13.69 3.48 -21.21
CA HIS B 146 -13.80 4.63 -22.10
C HIS B 146 -13.05 5.89 -21.59
N ASN B 147 -13.17 6.16 -20.29
CA ASN B 147 -12.70 7.40 -19.70
C ASN B 147 -11.35 7.31 -19.00
N GLY B 148 -10.76 6.12 -19.04
CA GLY B 148 -9.57 5.81 -18.25
C GLY B 148 -8.28 6.51 -18.64
N ARG B 149 -8.27 7.26 -19.75
CA ARG B 149 -7.04 7.95 -20.21
C ARG B 149 -6.94 9.43 -19.85
N GLN B 150 -8.07 10.06 -19.46
CA GLN B 150 -8.09 11.47 -19.03
C GLN B 150 -7.37 11.65 -17.68
N ARG B 151 -6.85 12.85 -17.44
CA ARG B 151 -6.36 13.19 -16.11
C ARG B 151 -7.44 12.88 -15.04
N ALA B 152 -7.10 12.25 -13.92
CA ALA B 152 -8.16 11.67 -13.07
C ALA B 152 -9.20 12.64 -12.43
N ASP B 153 -8.81 13.89 -12.25
CA ASP B 153 -9.65 14.86 -11.59
C ASP B 153 -10.25 15.87 -12.57
N ALA B 154 -10.23 15.51 -13.86
CA ALA B 154 -10.82 16.33 -14.94
C ALA B 154 -12.32 16.64 -14.84
N PRO B 155 -13.12 15.74 -14.20
CA PRO B 155 -14.54 16.06 -14.02
C PRO B 155 -14.79 17.31 -13.19
N LEU B 156 -13.84 17.71 -12.35
CA LEU B 156 -14.05 18.85 -11.48
C LEU B 156 -13.52 20.17 -12.13
N GLN B 157 -13.23 20.13 -13.41
CA GLN B 157 -12.65 21.36 -14.00
C GLN B 157 -13.69 22.23 -14.76
N HIS B 158 -14.90 21.69 -14.96
CA HIS B 158 -16.01 22.36 -15.66
C HIS B 158 -17.36 21.75 -15.22
N TYR B 159 -18.41 22.57 -15.21
CA TYR B 159 -19.69 22.14 -14.72
C TYR B 159 -20.18 20.87 -15.40
N LEU B 160 -20.11 20.87 -16.73
CA LEU B 160 -20.73 19.82 -17.55
C LEU B 160 -20.01 18.48 -17.39
N GLN B 161 -18.69 18.54 -17.44
CA GLN B 161 -17.84 17.39 -17.20
C GLN B 161 -18.07 16.78 -15.83
N SER B 162 -18.54 17.58 -14.86
CA SER B 162 -18.94 17.04 -13.57
C SER B 162 -20.28 16.30 -13.57
N GLU B 163 -21.25 16.76 -14.37
CA GLU B 163 -22.46 15.99 -14.61
C GLU B 163 -22.14 14.71 -15.35
N GLN B 164 -21.13 14.77 -16.23
CA GLN B 164 -20.74 13.64 -17.05
C GLN B 164 -19.73 12.75 -16.34
N GLY B 165 -19.29 13.14 -15.15
CA GLY B 165 -18.23 12.41 -14.47
C GLY B 165 -18.61 11.73 -13.19
N LEU B 166 -19.90 11.50 -12.95
CA LEU B 166 -20.29 10.67 -11.80
C LEU B 166 -20.17 9.24 -12.30
N TRP B 167 -18.93 8.79 -12.52
CA TRP B 167 -18.70 7.46 -13.10
C TRP B 167 -19.48 6.30 -12.43
N PHE B 168 -19.54 6.36 -11.10
CA PHE B 168 -19.97 5.24 -10.32
C PHE B 168 -21.39 5.46 -9.79
N GLY B 169 -21.96 6.63 -10.11
CA GLY B 169 -23.26 7.03 -9.69
C GLY B 169 -23.37 7.13 -8.20
N HIS B 170 -24.60 6.96 -7.70
CA HIS B 170 -24.94 7.06 -6.27
C HIS B 170 -24.02 6.13 -5.50
N PRO B 171 -23.49 6.57 -4.36
CA PRO B 171 -22.48 5.72 -3.72
C PRO B 171 -23.01 4.75 -2.64
N SER B 172 -24.32 4.78 -2.36
CA SER B 172 -24.90 3.85 -1.38
C SER B 172 -26.14 3.18 -1.95
N HIS B 173 -25.93 2.37 -2.97
CA HIS B 173 -26.99 1.95 -3.88
C HIS B 173 -26.47 0.70 -4.56
N PRO B 174 -27.32 -0.32 -4.68
CA PRO B 174 -26.86 -1.66 -5.16
C PRO B 174 -26.71 -1.73 -6.68
N ALA B 175 -27.36 -0.81 -7.38
CA ALA B 175 -27.35 -0.83 -8.83
C ALA B 175 -27.44 0.61 -9.38
N PRO B 176 -26.39 1.43 -9.08
CA PRO B 176 -26.34 2.85 -9.36
C PRO B 176 -26.56 3.13 -10.83
N LYS B 177 -26.07 2.27 -11.70
CA LYS B 177 -26.08 2.59 -13.11
C LYS B 177 -27.06 1.78 -13.95
N ALA B 178 -27.98 1.10 -13.29
CA ALA B 178 -29.13 0.44 -13.95
C ALA B 178 -29.94 1.40 -14.82
N ARG B 179 -29.94 1.16 -16.14
CA ARG B 179 -30.69 1.95 -17.11
C ARG B 179 -31.25 0.94 -18.13
N LEU B 180 -32.57 0.83 -18.22
CA LEU B 180 -33.23 -0.22 -19.00
C LEU B 180 -33.76 0.32 -20.32
N TRP B 181 -32.85 0.66 -21.21
CA TRP B 181 -33.23 1.15 -22.52
C TRP B 181 -34.09 0.11 -23.29
N PRO B 182 -35.04 0.60 -24.10
CA PRO B 182 -35.84 -0.20 -25.03
C PRO B 182 -35.05 -1.02 -26.06
N ALA B 183 -35.71 -2.07 -26.58
CA ALA B 183 -35.35 -2.78 -27.83
C ALA B 183 -34.34 -2.02 -28.68
N HIS B 184 -33.05 -2.27 -28.44
CA HIS B 184 -31.93 -1.48 -29.00
C HIS B 184 -32.00 0.01 -28.59
N LEU B 185 -32.36 0.88 -29.54
CA LEU B 185 -32.35 2.34 -29.40
C LEU B 185 -31.10 2.94 -28.72
N GLY B 186 -30.09 2.12 -28.42
CA GLY B 186 -28.79 2.56 -27.88
C GLY B 186 -28.63 2.77 -26.38
N GLN B 187 -27.37 2.78 -25.93
CA GLN B 187 -26.93 3.15 -24.59
C GLN B 187 -26.02 4.42 -24.70
N GLU B 188 -24.81 4.20 -25.17
CA GLU B 188 -23.76 5.21 -25.25
C GLU B 188 -24.14 6.55 -25.90
N GLN B 189 -25.12 6.56 -26.82
CA GLN B 189 -25.57 7.83 -27.44
C GLN B 189 -26.34 8.71 -26.44
N TRP B 190 -26.85 8.10 -25.36
CA TRP B 190 -27.62 8.81 -24.32
C TRP B 190 -26.94 8.93 -22.95
N ALA B 191 -25.74 8.37 -22.80
CA ALA B 191 -25.04 8.37 -21.51
C ALA B 191 -24.15 9.60 -21.34
N PRO B 192 -24.35 10.35 -20.25
CA PRO B 192 -23.47 11.47 -19.89
C PRO B 192 -21.99 11.02 -19.85
N GLU B 193 -21.74 9.83 -19.32
CA GLU B 193 -20.41 9.29 -19.07
C GLU B 193 -19.70 9.04 -20.34
N PHE B 194 -20.43 9.03 -21.46
CA PHE B 194 -19.84 8.94 -22.79
C PHE B 194 -19.83 10.27 -23.58
N GLN B 195 -20.07 11.40 -22.91
CA GLN B 195 -20.04 12.73 -23.57
C GLN B 195 -21.16 12.83 -24.61
N ALA B 196 -22.28 12.17 -24.29
CA ALA B 196 -23.45 12.16 -25.16
C ALA B 196 -24.00 13.55 -25.50
N ARG B 197 -24.38 13.67 -26.77
CA ARG B 197 -24.88 14.88 -27.36
C ARG B 197 -25.91 14.49 -28.37
N ALA B 198 -26.94 15.29 -28.52
CA ALA B 198 -27.86 15.01 -29.60
C ALA B 198 -28.85 16.15 -29.77
N ALA B 199 -29.35 16.27 -30.99
CA ALA B 199 -30.43 17.16 -31.33
C ALA B 199 -31.73 16.58 -30.77
N LEU B 200 -32.46 17.41 -30.03
CA LEU B 200 -33.65 17.00 -29.35
C LEU B 200 -34.71 16.75 -30.39
N HIS B 201 -35.64 15.84 -30.09
CA HIS B 201 -36.61 15.45 -31.08
C HIS B 201 -37.72 16.45 -31.12
N GLN B 202 -38.40 16.68 -32.24
CA GLN B 202 -39.42 17.75 -32.23
C GLN B 202 -40.78 17.41 -32.81
N PHE B 203 -41.83 17.97 -32.26
CA PHE B 203 -43.14 17.80 -32.84
C PHE B 203 -43.78 19.14 -33.09
N GLU B 204 -44.62 19.20 -34.12
CA GLU B 204 -45.47 20.35 -34.30
C GLU B 204 -46.94 20.04 -33.86
N VAL B 205 -47.48 20.88 -32.98
CA VAL B 205 -48.78 20.59 -32.34
C VAL B 205 -49.74 21.78 -32.40
N PRO B 206 -51.08 21.53 -32.47
CA PRO B 206 -52.04 22.64 -32.53
C PRO B 206 -52.04 23.32 -31.18
N VAL B 207 -52.28 24.63 -31.13
CA VAL B 207 -52.15 25.33 -29.85
C VAL B 207 -53.32 25.14 -28.92
N ASP B 208 -54.45 24.71 -29.47
CA ASP B 208 -55.67 24.56 -28.63
C ASP B 208 -55.42 23.56 -27.49
N GLY B 209 -54.58 22.55 -27.72
CA GLY B 209 -54.23 21.60 -26.69
C GLY B 209 -52.98 21.84 -25.87
N LEU B 210 -52.35 23.01 -25.97
CA LEU B 210 -51.20 23.29 -25.12
C LEU B 210 -51.60 23.60 -23.69
N HIS B 211 -50.79 23.16 -22.72
CA HIS B 211 -50.83 23.74 -21.36
C HIS B 211 -49.47 24.39 -21.03
N ILE B 212 -49.49 25.67 -20.69
CA ILE B 212 -48.28 26.38 -20.33
C ILE B 212 -48.40 27.00 -18.94
N GLY B 213 -47.46 26.67 -18.06
CA GLY B 213 -47.24 27.40 -16.82
C GLY B 213 -46.05 28.33 -16.98
N ALA B 214 -46.15 29.53 -16.40
CA ALA B 214 -45.10 30.54 -16.56
C ALA B 214 -45.07 31.55 -15.42
N ASN B 215 -43.85 32.01 -15.13
CA ASN B 215 -43.55 32.99 -14.11
C ASN B 215 -42.62 34.05 -14.63
N GLY B 216 -43.13 35.22 -14.98
CA GLY B 216 -42.26 36.30 -15.42
C GLY B 216 -41.71 36.06 -16.81
N LEU B 217 -42.30 35.09 -17.49
CA LEU B 217 -42.06 34.76 -18.91
C LEU B 217 -43.43 34.66 -19.53
N THR B 218 -43.54 35.04 -20.80
CA THR B 218 -44.81 34.90 -21.52
C THR B 218 -44.93 33.47 -21.96
N PRO B 219 -46.18 32.91 -21.99
CA PRO B 219 -46.35 31.57 -22.60
C PRO B 219 -45.55 31.35 -23.90
N GLN B 220 -45.43 32.40 -24.71
CA GLN B 220 -44.56 32.40 -25.89
C GLN B 220 -43.06 32.27 -25.58
N GLN B 221 -42.61 32.93 -24.52
CA GLN B 221 -41.19 32.90 -24.13
C GLN B 221 -40.83 31.54 -23.53
N VAL B 222 -41.84 30.87 -22.95
CA VAL B 222 -41.66 29.53 -22.41
C VAL B 222 -41.43 28.56 -23.54
N LEU B 223 -42.28 28.61 -24.56
CA LEU B 223 -42.01 27.82 -25.77
C LEU B 223 -40.60 28.18 -26.36
N ASP B 224 -40.33 29.47 -26.61
CA ASP B 224 -39.01 29.85 -27.19
C ASP B 224 -37.87 29.18 -26.41
N GLY B 225 -38.02 29.02 -25.10
CA GLY B 225 -36.97 28.38 -24.32
C GLY B 225 -36.76 26.92 -24.68
N PHE B 226 -37.80 26.22 -25.15
CA PHE B 226 -37.71 24.81 -25.55
C PHE B 226 -37.27 24.64 -27.00
N ALA B 227 -37.81 25.45 -27.90
CA ALA B 227 -37.58 25.24 -29.33
C ALA B 227 -37.65 26.56 -30.11
N ASP B 228 -36.88 26.70 -31.19
CA ASP B 228 -37.12 27.84 -32.09
C ASP B 228 -38.50 27.67 -32.75
N GLN B 229 -39.37 28.65 -32.60
CA GLN B 229 -40.80 28.45 -32.89
C GLN B 229 -41.18 28.79 -34.32
N GLN B 230 -40.25 29.48 -34.98
CA GLN B 230 -40.43 30.01 -36.33
C GLN B 230 -40.91 29.05 -37.42
N PRO B 231 -40.40 27.82 -37.44
CA PRO B 231 -40.96 26.75 -38.30
C PRO B 231 -42.43 26.35 -38.04
N ALA B 232 -43.05 26.82 -36.95
CA ALA B 232 -44.45 26.48 -36.69
C ALA B 232 -45.35 27.28 -37.60
N SER B 233 -46.30 26.59 -38.20
CA SER B 233 -47.28 27.24 -39.03
C SER B 233 -48.34 27.79 -38.04
N PRO B 234 -49.28 28.66 -38.50
CA PRO B 234 -50.13 29.33 -37.50
C PRO B 234 -51.19 28.40 -36.83
N GLY B 235 -51.55 28.72 -35.57
CA GLY B 235 -52.38 27.86 -34.76
C GLY B 235 -51.55 26.70 -34.24
N HIS B 236 -50.24 26.74 -34.50
CA HIS B 236 -49.33 25.68 -34.03
C HIS B 236 -48.13 26.18 -33.25
N ALA B 237 -47.46 25.22 -32.61
CA ALA B 237 -46.22 25.42 -31.84
C ALA B 237 -45.37 24.16 -31.87
N ILE B 238 -44.12 24.31 -31.45
CA ILE B 238 -43.14 23.22 -31.48
C ILE B 238 -42.78 22.81 -30.05
N ILE B 239 -42.84 21.49 -29.77
CA ILE B 239 -42.43 20.97 -28.47
C ILE B 239 -41.27 20.04 -28.75
N CYS B 240 -40.42 19.80 -27.74
CA CYS B 240 -39.27 18.93 -27.91
C CYS B 240 -39.27 17.85 -26.84
N MET B 241 -38.65 16.71 -27.12
CA MET B 241 -38.43 15.67 -26.12
C MET B 241 -37.19 14.84 -26.41
N HIS B 242 -36.71 14.12 -25.41
CA HIS B 242 -35.63 13.12 -25.53
C HIS B 242 -35.87 12.21 -26.72
N PRO B 243 -34.90 12.15 -27.65
CA PRO B 243 -35.12 11.24 -28.80
C PRO B 243 -35.64 9.82 -28.40
N VAL B 244 -35.18 9.23 -27.30
CA VAL B 244 -35.76 7.95 -26.84
C VAL B 244 -37.25 8.07 -26.45
N GLN B 245 -37.62 9.12 -25.71
CA GLN B 245 -39.02 9.40 -25.40
C GLN B 245 -39.90 9.54 -26.64
N ALA B 246 -39.33 10.06 -27.72
CA ALA B 246 -40.07 10.37 -28.95
C ALA B 246 -40.39 9.09 -29.72
N GLN B 247 -39.53 8.09 -29.59
CA GLN B 247 -39.71 6.84 -30.30
C GLN B 247 -40.77 6.00 -29.57
N LEU B 248 -40.72 5.98 -28.24
CA LEU B 248 -41.75 5.32 -27.43
C LEU B 248 -43.11 6.00 -27.63
N PHE B 249 -43.10 7.32 -27.70
CA PHE B 249 -44.30 8.11 -27.90
C PHE B 249 -44.90 7.74 -29.28
N MET B 250 -44.07 7.74 -30.32
CA MET B 250 -44.55 7.35 -31.63
C MET B 250 -44.74 5.82 -31.78
N GLN B 251 -45.07 5.16 -30.67
CA GLN B 251 -45.33 3.70 -30.68
C GLN B 251 -46.71 3.39 -30.09
N ASP B 252 -47.31 4.36 -29.43
CA ASP B 252 -48.68 4.29 -29.05
C ASP B 252 -49.55 4.36 -30.31
N ALA B 253 -50.71 3.69 -30.31
CA ALA B 253 -51.67 3.80 -31.44
C ALA B 253 -52.45 5.14 -31.44
N ARG B 254 -52.51 5.76 -30.27
CA ARG B 254 -53.10 7.09 -30.08
C ARG B 254 -52.26 8.20 -30.70
N VAL B 255 -50.93 8.02 -30.77
CA VAL B 255 -50.06 8.96 -31.48
C VAL B 255 -50.00 8.64 -32.97
N GLN B 256 -50.05 7.34 -33.31
CA GLN B 256 -50.09 6.95 -34.72
C GLN B 256 -51.39 7.45 -35.38
N GLN B 257 -52.50 7.33 -34.64
CA GLN B 257 -53.81 7.81 -35.08
C GLN B 257 -53.80 9.31 -35.43
N LEU B 258 -53.23 10.09 -34.52
CA LEU B 258 -53.01 11.52 -34.70
C LEU B 258 -52.04 11.92 -35.81
N LEU B 259 -50.97 11.14 -36.03
CA LEU B 259 -49.96 11.51 -37.07
C LEU B 259 -50.51 11.31 -38.47
N ARG B 260 -51.31 10.25 -38.60
CA ARG B 260 -51.99 9.89 -39.86
C ARG B 260 -53.07 10.90 -40.23
N ASP B 261 -53.72 11.47 -39.20
CA ASP B 261 -54.76 12.48 -39.38
C ASP B 261 -54.17 13.88 -39.53
N ASN B 262 -52.84 13.96 -39.58
CA ASN B 262 -52.10 15.24 -39.65
C ASN B 262 -52.49 16.29 -38.59
N VAL B 263 -52.85 15.79 -37.41
CA VAL B 263 -53.12 16.64 -36.27
C VAL B 263 -51.80 17.08 -35.68
N ILE B 264 -50.87 16.13 -35.50
CA ILE B 264 -49.47 16.40 -35.12
C ILE B 264 -48.49 15.94 -36.17
N ARG B 265 -47.31 16.58 -36.23
CA ARG B 265 -46.26 16.23 -37.20
C ARG B 265 -44.96 15.98 -36.51
N ASP B 266 -44.21 14.99 -37.02
CA ASP B 266 -42.89 14.60 -36.54
C ASP B 266 -41.83 15.39 -37.30
N LEU B 267 -40.97 16.10 -36.57
CA LEU B 267 -39.91 16.86 -37.23
C LEU B 267 -38.55 16.24 -36.98
N GLY B 268 -38.50 15.02 -36.47
CA GLY B 268 -37.18 14.42 -36.22
C GLY B 268 -36.26 15.11 -35.20
N GLN B 269 -35.00 14.71 -35.18
CA GLN B 269 -34.01 15.37 -34.35
C GLN B 269 -33.53 16.62 -35.01
N SER B 270 -34.34 17.66 -34.84
CA SER B 270 -34.12 18.96 -35.42
C SER B 270 -34.01 20.10 -34.38
N GLY B 271 -33.95 19.75 -33.09
CA GLY B 271 -34.00 20.71 -31.99
C GLY B 271 -32.64 21.30 -31.57
N ARG B 272 -32.63 21.97 -30.43
CA ARG B 272 -31.36 22.43 -29.88
C ARG B 272 -30.45 21.19 -29.65
N VAL B 273 -29.15 21.40 -29.84
CA VAL B 273 -28.11 20.39 -29.58
C VAL B 273 -27.62 20.38 -28.15
N ALA B 274 -27.86 19.28 -27.45
CA ALA B 274 -27.77 19.29 -26.00
C ALA B 274 -26.96 18.12 -25.46
N SER B 275 -26.46 18.24 -24.23
CA SER B 275 -25.75 17.17 -23.54
C SER B 275 -26.57 16.76 -22.34
N PRO B 276 -26.94 15.49 -22.21
CA PRO B 276 -27.70 15.18 -21.01
C PRO B 276 -26.82 15.23 -19.76
N THR B 277 -27.44 15.43 -18.61
CA THR B 277 -26.75 15.55 -17.34
C THR B 277 -26.93 14.26 -16.57
N ALA B 278 -26.39 14.18 -15.35
CA ALA B 278 -26.42 12.95 -14.57
C ALA B 278 -27.83 12.41 -14.29
N SER B 279 -28.86 13.20 -14.55
CA SER B 279 -30.18 12.71 -14.32
C SER B 279 -30.80 12.19 -15.62
N ILE B 280 -30.04 12.24 -16.70
CA ILE B 280 -30.40 11.50 -17.92
C ILE B 280 -31.49 12.23 -18.74
N ARG B 281 -32.51 12.76 -18.06
CA ARG B 281 -33.69 13.37 -18.72
C ARG B 281 -33.71 14.91 -18.62
N THR B 282 -32.71 15.44 -17.91
CA THR B 282 -32.39 16.89 -17.93
C THR B 282 -31.22 17.20 -18.87
N TRP B 283 -31.45 18.03 -19.87
CA TRP B 283 -30.39 18.36 -20.84
C TRP B 283 -29.78 19.72 -20.60
N PHE B 284 -28.49 19.83 -20.86
CA PHE B 284 -27.71 21.06 -20.74
C PHE B 284 -27.32 21.64 -22.10
N ILE B 285 -27.47 22.95 -22.25
CA ILE B 285 -27.04 23.64 -23.48
C ILE B 285 -26.16 24.80 -23.10
N ASP B 286 -24.88 24.66 -23.41
CA ASP B 286 -23.92 25.72 -23.18
C ASP B 286 -24.43 27.06 -23.74
N ASP B 287 -24.37 28.12 -22.95
CA ASP B 287 -24.81 29.43 -23.44
C ASP B 287 -26.20 29.37 -24.10
N HIS B 288 -27.17 28.79 -23.39
CA HIS B 288 -28.60 28.98 -23.63
C HIS B 288 -29.11 29.35 -22.26
N ASP B 289 -30.27 29.96 -22.19
CA ASP B 289 -30.78 30.40 -20.90
C ASP B 289 -31.26 29.28 -19.99
N TYR B 290 -31.47 28.09 -20.51
CA TYR B 290 -32.14 27.05 -19.72
C TYR B 290 -31.57 25.67 -19.94
N PHE B 291 -31.66 24.84 -18.91
CA PHE B 291 -31.54 23.38 -19.05
C PHE B 291 -32.92 23.00 -19.56
N ILE B 292 -33.06 21.81 -20.18
CA ILE B 292 -34.39 21.25 -20.52
C ILE B 292 -34.67 19.94 -19.76
N LYS B 293 -35.79 19.89 -19.05
CA LYS B 293 -36.09 18.73 -18.19
C LYS B 293 -37.34 18.08 -18.66
N GLY B 294 -37.19 17.01 -19.42
CA GLY B 294 -38.35 16.31 -19.95
C GLY B 294 -38.68 15.01 -19.25
N SER B 295 -39.77 14.40 -19.68
CA SER B 295 -40.14 13.07 -19.23
C SER B 295 -39.41 12.04 -20.05
N LEU B 296 -38.97 10.96 -19.40
CA LEU B 296 -38.49 9.79 -20.10
C LEU B 296 -39.17 8.51 -19.60
N ASN B 297 -39.98 7.90 -20.45
CA ASN B 297 -40.70 6.68 -20.08
C ASN B 297 -39.80 5.44 -20.10
N VAL B 298 -38.76 5.48 -19.27
CA VAL B 298 -37.69 4.47 -19.23
C VAL B 298 -37.26 4.24 -17.78
N ARG B 299 -37.08 2.98 -17.44
CA ARG B 299 -36.63 2.61 -16.10
C ARG B 299 -35.15 2.99 -15.82
N ILE B 300 -34.95 4.18 -15.26
CA ILE B 300 -33.62 4.63 -14.81
C ILE B 300 -33.51 4.38 -13.31
N THR B 301 -32.55 3.54 -12.92
CA THR B 301 -32.36 3.22 -11.51
C THR B 301 -33.63 2.59 -10.94
N ASN B 302 -34.26 1.75 -11.75
CA ASN B 302 -35.44 0.99 -11.36
C ASN B 302 -36.78 1.75 -11.52
N CYS B 303 -36.70 3.05 -11.83
CA CYS B 303 -37.89 3.89 -11.77
C CYS B 303 -38.14 4.71 -13.01
N VAL B 304 -39.39 4.71 -13.48
CA VAL B 304 -39.76 5.58 -14.57
C VAL B 304 -39.71 6.99 -14.02
N ARG B 305 -38.90 7.84 -14.65
CA ARG B 305 -38.74 9.23 -14.27
C ARG B 305 -39.48 10.15 -15.26
N LYS B 306 -40.52 10.79 -14.75
CA LYS B 306 -41.61 11.37 -15.53
C LYS B 306 -42.04 12.70 -14.92
N ASN B 307 -42.62 13.58 -15.73
CA ASN B 307 -43.19 14.80 -15.19
C ASN B 307 -44.70 14.73 -15.18
N ALA B 308 -45.30 14.22 -14.09
CA ALA B 308 -46.76 14.04 -13.98
C ALA B 308 -47.49 15.38 -14.13
N TRP B 309 -48.78 15.39 -14.51
CA TRP B 309 -49.42 16.68 -14.82
C TRP B 309 -49.39 17.66 -13.65
N TYR B 310 -49.60 17.13 -12.44
CA TYR B 310 -49.71 17.95 -11.24
C TYR B 310 -48.35 18.37 -10.73
N GLU B 311 -47.33 17.66 -11.15
CA GLU B 311 -46.00 18.09 -10.89
C GLU B 311 -45.63 19.21 -11.82
N LEU B 312 -46.13 19.17 -13.04
CA LEU B 312 -45.89 20.28 -13.93
C LEU B 312 -46.42 21.57 -13.32
N GLU B 313 -47.54 21.46 -12.59
CA GLU B 313 -48.12 22.60 -11.87
C GLU B 313 -47.47 22.92 -10.51
N SER B 314 -47.05 21.90 -9.77
CA SER B 314 -46.17 22.08 -8.63
C SER B 314 -45.04 23.06 -8.93
N THR B 315 -44.34 22.80 -10.04
CA THR B 315 -43.10 23.46 -10.41
C THR B 315 -43.30 24.98 -10.45
N VAL B 316 -44.23 25.42 -11.28
CA VAL B 316 -44.71 26.82 -11.36
C VAL B 316 -44.97 27.47 -10.00
N LEU B 317 -45.79 26.78 -9.18
CA LEU B 317 -46.19 27.21 -7.84
C LEU B 317 -45.01 27.39 -6.91
N ILE B 318 -44.16 26.36 -6.85
CA ILE B 318 -42.87 26.45 -6.16
C ILE B 318 -41.98 27.61 -6.69
N ASP B 319 -41.76 27.72 -8.02
CA ASP B 319 -40.93 28.79 -8.57
C ASP B 319 -41.37 30.15 -8.04
N ARG B 320 -42.67 30.38 -8.04
CA ARG B 320 -43.28 31.64 -7.65
C ARG B 320 -43.10 31.91 -6.16
N LEU B 321 -43.14 30.85 -5.37
CA LEU B 321 -42.90 30.98 -3.97
C LEU B 321 -41.44 31.39 -3.60
N PHE B 322 -40.46 30.75 -4.21
CA PHE B 322 -39.07 31.10 -3.93
C PHE B 322 -38.79 32.54 -4.30
N ARG B 323 -39.36 32.97 -5.41
CA ARG B 323 -39.24 34.36 -5.84
C ARG B 323 -39.86 35.29 -4.78
N GLN B 324 -41.00 34.89 -4.21
CA GLN B 324 -41.69 35.71 -3.21
C GLN B 324 -41.01 35.70 -1.84
N LEU B 325 -40.38 34.60 -1.46
CA LEU B 325 -39.60 34.57 -0.24
C LEU B 325 -38.34 35.42 -0.35
N LEU B 326 -37.71 35.41 -1.52
CA LEU B 326 -36.48 36.21 -1.77
C LEU B 326 -36.75 37.71 -1.72
N ASP B 327 -37.83 38.13 -2.38
CA ASP B 327 -38.17 39.56 -2.47
C ASP B 327 -38.50 40.17 -1.12
N GLN B 328 -39.11 39.37 -0.24
CA GLN B 328 -39.59 39.84 1.06
C GLN B 328 -38.87 39.23 2.27
N HIS B 329 -38.39 38.00 2.22
CA HIS B 329 -37.73 37.38 3.40
C HIS B 329 -36.32 36.91 3.20
N ALA B 330 -35.55 37.69 2.44
CA ALA B 330 -34.20 37.32 2.06
C ALA B 330 -33.37 36.97 3.29
N ASP B 331 -33.49 37.77 4.33
CA ASP B 331 -32.64 37.66 5.49
C ASP B 331 -33.03 36.57 6.46
N THR B 332 -34.21 35.97 6.25
CA THR B 332 -34.50 34.72 6.96
C THR B 332 -34.34 33.47 6.07
N LEU B 333 -33.58 33.59 4.97
CA LEU B 333 -33.33 32.45 4.07
C LEU B 333 -31.92 31.87 4.21
N GLY B 334 -31.10 32.44 5.07
CA GLY B 334 -29.80 31.85 5.41
C GLY B 334 -28.80 31.81 4.28
N GLY B 335 -28.95 32.72 3.32
CA GLY B 335 -28.01 32.87 2.21
C GLY B 335 -28.37 31.99 1.01
N LEU B 336 -29.67 31.78 0.78
CA LEU B 336 -30.15 30.81 -0.21
C LEU B 336 -29.76 31.15 -1.66
N VAL B 337 -29.26 30.15 -2.37
CA VAL B 337 -29.11 30.23 -3.83
C VAL B 337 -29.80 29.05 -4.44
N ALA B 338 -30.80 29.29 -5.29
CA ALA B 338 -31.46 28.21 -5.97
C ALA B 338 -31.72 28.48 -7.45
N ALA B 339 -31.57 27.47 -8.28
CA ALA B 339 -31.97 27.54 -9.67
C ALA B 339 -33.49 27.59 -9.79
N ALA B 340 -33.97 28.68 -10.38
CA ALA B 340 -35.38 28.80 -10.68
C ALA B 340 -35.91 27.76 -11.69
N GLU B 341 -37.23 27.64 -11.79
CA GLU B 341 -37.88 26.75 -12.77
C GLU B 341 -39.09 27.53 -13.30
N PRO B 342 -38.84 28.51 -14.20
CA PRO B 342 -39.81 29.56 -14.61
C PRO B 342 -40.95 29.19 -15.56
N GLY B 343 -40.79 28.09 -16.29
CA GLY B 343 -41.79 27.66 -17.25
C GLY B 343 -41.88 26.15 -17.37
N VAL B 344 -42.96 25.68 -17.99
CA VAL B 344 -43.45 24.29 -17.93
C VAL B 344 -44.39 24.19 -19.14
N VAL B 345 -44.21 23.19 -19.99
CA VAL B 345 -45.09 23.03 -21.15
C VAL B 345 -45.54 21.58 -21.28
N SER B 346 -46.78 21.36 -21.68
CA SER B 346 -47.28 20.01 -22.05
C SER B 346 -48.31 20.08 -23.17
N TRP B 347 -48.64 18.91 -23.76
CA TRP B 347 -49.65 18.85 -24.84
C TRP B 347 -50.70 17.70 -24.68
N SER B 348 -51.94 17.97 -25.06
CA SER B 348 -52.98 16.93 -25.10
C SER B 348 -54.05 17.33 -26.12
N PRO B 349 -54.59 16.35 -26.85
CA PRO B 349 -55.55 16.73 -27.89
C PRO B 349 -56.77 17.45 -27.29
N ALA B 350 -57.29 18.44 -27.99
CA ALA B 350 -58.48 19.14 -27.51
C ALA B 350 -59.66 18.15 -27.26
N ALA B 351 -60.35 18.33 -26.13
CA ALA B 351 -61.48 17.46 -25.77
C ALA B 351 -61.08 15.98 -25.75
N ALA B 352 -59.97 15.68 -25.05
CA ALA B 352 -59.51 14.31 -24.84
C ALA B 352 -60.16 13.78 -23.58
N GLY B 353 -60.27 12.45 -23.50
CA GLY B 353 -60.68 11.78 -22.27
C GLY B 353 -59.72 12.10 -21.13
N GLU B 354 -60.28 12.29 -19.93
CA GLU B 354 -59.50 12.50 -18.71
C GLU B 354 -58.24 11.58 -18.59
N LEU B 355 -58.37 10.30 -18.95
CA LEU B 355 -57.23 9.37 -18.91
C LEU B 355 -56.22 9.59 -20.06
N ASP B 356 -56.72 9.66 -21.29
CA ASP B 356 -55.90 10.04 -22.44
C ASP B 356 -55.08 11.30 -22.14
N SER B 357 -55.76 12.31 -21.59
CA SER B 357 -55.17 13.61 -21.30
C SER B 357 -54.07 13.51 -20.27
N HIS B 358 -54.26 12.64 -19.28
CA HIS B 358 -53.20 12.45 -18.29
C HIS B 358 -51.95 11.90 -18.96
N TRP B 359 -52.15 10.99 -19.91
CA TRP B 359 -51.06 10.23 -20.48
C TRP B 359 -50.31 11.04 -21.53
N PHE B 360 -51.04 11.83 -22.32
CA PHE B 360 -50.42 12.73 -23.26
C PHE B 360 -49.58 13.78 -22.53
N ARG B 361 -50.14 14.36 -21.47
CA ARG B 361 -49.46 15.43 -20.72
C ARG B 361 -48.19 14.92 -20.05
N GLU B 362 -48.25 13.70 -19.54
CA GLU B 362 -47.15 13.09 -18.82
C GLU B 362 -46.00 12.75 -19.81
N GLN B 363 -46.36 12.30 -21.03
CA GLN B 363 -45.40 11.94 -22.06
C GLN B 363 -44.68 13.14 -22.70
N THR B 364 -45.39 14.27 -22.84
CA THR B 364 -44.90 15.44 -23.53
C THR B 364 -44.43 16.54 -22.55
N GLY B 365 -44.53 16.30 -21.26
CA GLY B 365 -44.30 17.35 -20.27
C GLY B 365 -42.84 17.78 -20.19
N GLY B 366 -42.60 19.09 -20.11
CA GLY B 366 -41.23 19.62 -19.99
C GLY B 366 -41.09 20.85 -19.09
N ILE B 367 -40.04 20.89 -18.26
CA ILE B 367 -39.72 22.05 -17.45
C ILE B 367 -38.43 22.84 -17.90
N LEU B 368 -38.45 24.14 -17.73
CA LEU B 368 -37.24 24.92 -17.90
C LEU B 368 -36.59 25.19 -16.56
N ARG B 369 -35.34 24.79 -16.38
CA ARG B 369 -34.55 25.26 -15.27
C ARG B 369 -33.61 26.35 -15.72
N GLU B 370 -33.35 27.29 -14.84
CA GLU B 370 -32.43 28.40 -15.07
C GLU B 370 -31.06 27.81 -15.26
N ASN B 371 -30.37 28.21 -16.30
CA ASN B 371 -29.01 27.76 -16.45
C ASN B 371 -28.11 28.57 -15.56
N PHE B 372 -27.94 28.11 -14.35
CA PHE B 372 -27.26 28.90 -13.36
C PHE B 372 -25.82 29.24 -13.77
N CYS B 373 -25.28 28.59 -14.79
CA CYS B 373 -23.88 28.80 -15.17
C CYS B 373 -23.64 30.20 -15.73
N ARG B 374 -24.66 30.81 -16.34
CA ARG B 374 -24.54 32.18 -16.83
C ARG B 374 -24.26 33.18 -15.70
N ARG B 375 -24.66 32.76 -14.49
CA ARG B 375 -24.74 33.56 -13.26
C ARG B 375 -23.57 33.20 -12.30
N THR B 376 -23.04 31.97 -12.44
CA THR B 376 -22.07 31.41 -11.53
C THR B 376 -20.77 31.04 -12.26
N GLY B 377 -20.90 30.78 -13.55
CA GLY B 377 -19.76 30.50 -14.40
C GLY B 377 -19.36 29.05 -14.41
N ALA B 378 -19.35 28.49 -15.62
CA ALA B 378 -19.32 27.05 -15.82
C ALA B 378 -18.00 26.41 -15.37
N GLU B 379 -16.99 27.21 -15.08
CA GLU B 379 -15.73 26.66 -14.62
C GLU B 379 -15.51 26.99 -13.17
N ARG B 380 -16.58 27.44 -12.51
CA ARG B 380 -16.60 27.55 -11.04
C ARG B 380 -17.64 26.65 -10.34
N SER B 381 -18.30 25.78 -11.10
CA SER B 381 -19.49 25.10 -10.61
C SER B 381 -19.43 23.57 -10.75
N ILE B 382 -19.39 22.87 -9.63
CA ILE B 382 -19.24 21.42 -9.68
C ILE B 382 -20.42 20.74 -9.01
N MET B 383 -21.10 19.86 -9.73
CA MET B 383 -22.13 19.01 -9.11
C MET B 383 -21.50 18.37 -7.87
N ALA B 384 -22.21 18.40 -6.73
CA ALA B 384 -21.65 17.92 -5.48
C ALA B 384 -21.33 16.42 -5.44
N GLY B 385 -22.02 15.62 -6.23
CA GLY B 385 -21.74 14.16 -6.26
C GLY B 385 -20.39 13.92 -6.86
N THR B 386 -20.16 14.43 -8.07
CA THR B 386 -18.79 14.37 -8.63
C THR B 386 -17.67 14.99 -7.76
N LEU B 387 -17.92 16.12 -7.12
CA LEU B 387 -16.97 16.72 -6.18
C LEU B 387 -16.46 15.78 -5.10
N PHE B 388 -17.37 15.00 -4.54
CA PHE B 388 -16.99 14.08 -3.47
C PHE B 388 -16.91 12.61 -3.91
N ALA B 389 -17.01 12.37 -5.22
CA ALA B 389 -16.80 11.02 -5.77
C ALA B 389 -15.31 10.64 -6.02
N ARG B 390 -15.10 9.39 -6.43
CA ARG B 390 -13.78 8.86 -6.68
C ARG B 390 -13.52 8.88 -8.17
N GLY B 391 -12.25 9.09 -8.58
CA GLY B 391 -11.91 9.16 -10.01
C GLY B 391 -11.87 7.77 -10.65
N VAL B 392 -11.35 7.69 -11.88
CA VAL B 392 -11.18 6.39 -12.58
C VAL B 392 -10.10 5.48 -11.93
N ASP B 393 -9.30 6.10 -11.07
CA ASP B 393 -8.23 5.42 -10.34
C ASP B 393 -8.70 5.07 -8.91
N LEU B 394 -10.01 5.27 -8.69
CA LEU B 394 -10.70 5.01 -7.41
C LEU B 394 -10.21 5.86 -6.21
N GLN B 395 -9.43 6.91 -6.48
CA GLN B 395 -9.10 7.87 -5.42
C GLN B 395 -10.15 8.97 -5.36
N PRO B 396 -10.50 9.45 -4.15
CA PRO B 396 -11.44 10.58 -4.09
C PRO B 396 -10.81 11.81 -4.78
N MET B 397 -11.46 12.31 -5.82
CA MET B 397 -10.96 13.39 -6.69
C MET B 397 -10.76 14.71 -5.99
N ILE B 398 -11.43 14.88 -4.86
CA ILE B 398 -11.37 16.12 -4.09
C ILE B 398 -9.93 16.41 -3.69
N GLN B 399 -9.18 15.35 -3.38
CA GLN B 399 -7.82 15.47 -2.85
C GLN B 399 -6.87 16.26 -3.75
N THR B 400 -6.79 15.90 -5.03
CA THR B 400 -5.89 16.60 -5.95
C THR B 400 -6.42 17.96 -6.42
N PHE B 401 -7.74 18.09 -6.56
CA PHE B 401 -8.37 19.36 -6.92
C PHE B 401 -8.07 20.45 -5.89
N LEU B 402 -7.98 20.09 -4.61
CA LEU B 402 -7.59 21.04 -3.58
C LEU B 402 -6.08 21.33 -3.68
N ARG B 403 -5.28 20.28 -3.84
CA ARG B 403 -3.86 20.37 -4.08
C ARG B 403 -3.44 21.37 -5.18
N THR B 404 -4.10 21.36 -6.33
CA THR B 404 -3.67 22.29 -7.37
C THR B 404 -4.16 23.74 -7.14
N HIS B 405 -5.22 23.91 -6.36
CA HIS B 405 -5.75 25.25 -6.04
C HIS B 405 -5.04 25.88 -4.81
N TYR B 406 -4.74 25.06 -3.81
CA TYR B 406 -4.07 25.51 -2.60
C TYR B 406 -2.58 25.84 -2.84
N GLY B 407 -1.94 25.07 -3.70
CA GLY B 407 -0.58 25.37 -4.11
C GLY B 407 0.45 24.49 -3.41
N GLU B 408 -0.04 23.63 -2.51
CA GLU B 408 0.79 22.59 -1.90
C GLU B 408 -0.09 21.64 -1.12
N ALA B 409 0.54 20.61 -0.55
CA ALA B 409 -0.13 19.68 0.35
C ALA B 409 -0.95 20.48 1.37
N LEU B 410 -2.15 20.00 1.66
CA LEU B 410 -2.99 20.63 2.65
C LEU B 410 -2.73 19.96 3.98
N ASP B 411 -2.48 20.75 5.02
CA ASP B 411 -2.33 20.21 6.36
C ASP B 411 -3.71 20.02 6.97
N ASP B 412 -3.80 19.34 8.12
CA ASP B 412 -5.07 19.06 8.80
C ASP B 412 -5.92 20.32 8.91
N ASN B 413 -5.32 21.41 9.37
CA ASN B 413 -6.05 22.64 9.55
C ASN B 413 -6.52 23.33 8.28
N ALA B 414 -6.08 22.90 7.11
CA ALA B 414 -6.65 23.46 5.90
C ALA B 414 -7.90 22.66 5.46
N LEU B 415 -7.89 21.35 5.69
CA LEU B 415 -9.07 20.52 5.42
C LEU B 415 -10.24 20.90 6.34
N LEU B 416 -9.95 21.15 7.62
CA LEU B 416 -10.98 21.59 8.55
C LEU B 416 -11.54 22.98 8.23
N TYR B 417 -10.67 23.92 7.84
CA TYR B 417 -11.08 25.26 7.41
C TYR B 417 -11.95 25.21 6.15
N TRP B 418 -11.58 24.32 5.22
CA TRP B 418 -12.31 24.16 3.96
C TRP B 418 -13.67 23.52 4.24
N PHE B 419 -13.67 22.39 4.95
CA PHE B 419 -14.92 21.77 5.36
C PHE B 419 -15.91 22.74 6.01
N ASP B 420 -15.42 23.48 7.00
CA ASP B 420 -16.22 24.43 7.75
C ASP B 420 -16.96 25.42 6.87
N ASP B 421 -16.23 26.06 5.96
CA ASP B 421 -16.79 26.90 4.90
C ASP B 421 -17.86 26.18 4.05
N TYR B 422 -17.59 24.95 3.63
CA TYR B 422 -18.49 24.17 2.82
C TYR B 422 -19.81 23.85 3.55
N GLN B 423 -19.72 23.19 4.71
CA GLN B 423 -20.91 22.77 5.45
C GLN B 423 -21.76 23.94 5.95
N THR B 424 -21.13 25.10 6.14
CA THR B 424 -21.86 26.29 6.58
C THR B 424 -22.77 26.73 5.45
N ARG B 425 -22.27 26.67 4.23
CA ARG B 425 -23.09 27.07 3.11
C ARG B 425 -24.20 26.07 2.75
N LEU B 426 -24.19 24.88 3.35
CA LEU B 426 -25.21 23.90 3.00
C LEU B 426 -26.31 23.96 4.02
N LEU B 427 -25.90 23.96 5.29
CA LEU B 427 -26.78 23.93 6.43
C LEU B 427 -27.57 25.20 6.61
N ARG B 428 -26.93 26.36 6.38
CA ARG B 428 -27.59 27.65 6.70
C ARG B 428 -28.88 27.88 5.90
N PRO B 429 -28.86 27.78 4.54
CA PRO B 429 -30.10 27.88 3.76
C PRO B 429 -31.10 26.74 4.01
N VAL B 430 -30.62 25.52 4.13
CA VAL B 430 -31.55 24.37 4.25
C VAL B 430 -32.37 24.44 5.54
N LEU B 431 -31.69 24.54 6.68
CA LEU B 431 -32.34 24.69 7.98
C LEU B 431 -33.08 26.03 8.15
N SER B 432 -32.58 27.10 7.55
CA SER B 432 -33.37 28.33 7.57
C SER B 432 -34.74 28.15 6.90
N LEU B 433 -34.75 27.48 5.77
CA LEU B 433 -35.98 27.34 5.00
C LEU B 433 -37.02 26.46 5.72
N PHE B 434 -36.56 25.47 6.45
CA PHE B 434 -37.47 24.49 7.03
C PHE B 434 -38.08 25.01 8.33
N PHE B 435 -37.28 25.71 9.14
CA PHE B 435 -37.80 26.18 10.43
C PHE B 435 -38.44 27.55 10.36
N ASN B 436 -38.00 28.36 9.39
CA ASN B 436 -38.54 29.71 9.28
C ASN B 436 -39.78 29.78 8.40
N HIS B 437 -39.87 28.91 7.40
CA HIS B 437 -40.90 29.03 6.39
C HIS B 437 -41.61 27.70 6.06
N GLY B 438 -41.11 26.59 6.59
CA GLY B 438 -41.75 25.31 6.37
C GLY B 438 -41.58 24.74 4.97
N VAL B 439 -40.54 25.21 4.29
CA VAL B 439 -40.12 24.73 2.97
C VAL B 439 -39.13 23.55 3.18
N VAL B 440 -39.30 22.47 2.45
CA VAL B 440 -38.45 21.29 2.58
C VAL B 440 -37.65 21.10 1.27
N MET B 441 -36.39 21.52 1.24
CA MET B 441 -35.49 21.21 0.12
C MET B 441 -35.18 19.68 0.03
N GLU B 442 -34.42 19.25 -0.98
CA GLU B 442 -33.91 17.88 -0.96
C GLU B 442 -32.44 17.92 -1.33
N PRO B 443 -31.55 18.26 -0.37
CA PRO B 443 -30.11 18.48 -0.65
C PRO B 443 -29.24 17.25 -0.57
N HIS B 444 -29.58 16.25 -1.37
CA HIS B 444 -28.70 15.14 -1.60
C HIS B 444 -27.62 15.60 -2.56
N LEU B 445 -26.67 14.73 -2.89
CA LEU B 445 -25.43 15.19 -3.54
C LEU B 445 -25.71 15.68 -4.94
N GLN B 446 -26.76 15.13 -5.55
CA GLN B 446 -27.09 15.30 -6.97
C GLN B 446 -28.06 16.49 -7.25
N ASN B 447 -28.67 17.02 -6.20
CA ASN B 447 -29.38 18.33 -6.24
C ASN B 447 -28.49 19.52 -5.76
N SER B 448 -27.23 19.29 -5.44
CA SER B 448 -26.36 20.40 -4.96
C SER B 448 -25.24 20.69 -5.96
N VAL B 449 -24.95 21.96 -6.17
CA VAL B 449 -23.80 22.37 -7.00
C VAL B 449 -22.94 23.35 -6.20
N LEU B 450 -21.67 23.02 -5.94
CA LEU B 450 -20.77 23.99 -5.31
C LEU B 450 -20.36 25.09 -6.33
N VAL B 451 -20.42 26.36 -5.91
CA VAL B 451 -19.81 27.49 -6.64
C VAL B 451 -18.59 27.94 -5.84
N HIS B 452 -17.44 28.03 -6.50
CA HIS B 452 -16.20 28.21 -5.76
C HIS B 452 -15.24 29.23 -6.39
N GLN B 453 -14.53 29.99 -5.57
CA GLN B 453 -13.52 30.93 -6.11
C GLN B 453 -12.15 30.37 -5.89
N GLN B 454 -11.50 30.02 -6.99
CA GLN B 454 -10.22 29.34 -6.96
C GLN B 454 -10.16 28.23 -5.88
N GLY B 455 -11.29 27.56 -5.67
CA GLY B 455 -11.30 26.43 -4.74
C GLY B 455 -11.95 26.66 -3.40
N ARG B 456 -12.04 27.93 -3.01
CA ARG B 456 -12.67 28.32 -1.78
C ARG B 456 -14.15 28.33 -2.05
N PRO B 457 -14.93 27.62 -1.19
CA PRO B 457 -16.40 27.57 -1.35
C PRO B 457 -17.04 28.95 -1.26
N GLN B 458 -17.91 29.26 -2.23
CA GLN B 458 -18.67 30.51 -2.23
C GLN B 458 -20.14 30.27 -1.88
N GLN B 459 -20.84 29.43 -2.66
CA GLN B 459 -22.22 29.09 -2.34
C GLN B 459 -22.43 27.64 -2.65
N VAL B 460 -23.48 27.04 -2.11
CA VAL B 460 -23.87 25.72 -2.55
C VAL B 460 -25.24 25.96 -3.13
N LEU B 461 -25.35 26.07 -4.47
CA LEU B 461 -26.63 26.17 -5.16
C LEU B 461 -27.47 24.90 -4.94
N LEU B 462 -28.74 25.05 -4.61
CA LEU B 462 -29.65 23.90 -4.52
C LEU B 462 -30.69 23.93 -5.65
N ARG B 463 -31.06 22.76 -6.18
CA ARG B 463 -32.07 22.71 -7.26
C ARG B 463 -33.13 21.62 -7.04
N ASP B 464 -34.11 21.61 -7.94
CA ASP B 464 -34.98 20.47 -8.22
C ASP B 464 -36.32 20.63 -7.53
N PHE B 465 -37.27 21.27 -8.22
CA PHE B 465 -38.54 21.59 -7.60
C PHE B 465 -39.44 20.35 -7.30
N GLU B 466 -39.25 19.30 -8.07
CA GLU B 466 -39.88 18.02 -7.87
C GLU B 466 -39.69 17.55 -6.43
N GLY B 467 -38.61 18.02 -5.82
CA GLY B 467 -38.20 17.53 -4.52
C GLY B 467 -38.55 18.48 -3.40
N VAL B 468 -39.06 19.66 -3.76
CA VAL B 468 -39.45 20.63 -2.75
C VAL B 468 -40.87 20.30 -2.21
N LYS B 469 -40.98 20.21 -0.89
CA LYS B 469 -42.29 19.99 -0.24
C LYS B 469 -42.59 21.08 0.78
N LEU B 470 -43.86 21.17 1.18
CA LEU B 470 -44.31 22.23 2.05
C LEU B 470 -44.97 21.60 3.27
N THR B 471 -44.61 22.08 4.46
CA THR B 471 -45.14 21.46 5.70
C THR B 471 -46.56 21.86 6.00
N ASP B 472 -47.33 20.93 6.59
CA ASP B 472 -48.75 21.21 6.87
C ASP B 472 -48.99 22.24 7.94
N ASP B 473 -48.03 22.41 8.84
CA ASP B 473 -48.17 23.42 9.87
C ASP B 473 -47.68 24.80 9.43
N LEU B 474 -46.75 24.83 8.46
CA LEU B 474 -46.12 26.09 8.09
C LEU B 474 -46.09 26.41 6.60
N GLY B 475 -45.32 25.63 5.84
CA GLY B 475 -45.09 25.91 4.42
C GLY B 475 -46.31 26.05 3.56
N ILE B 476 -47.30 25.17 3.76
CA ILE B 476 -48.48 25.16 2.89
C ILE B 476 -49.27 26.49 2.95
N ARG B 477 -49.25 27.16 4.10
CA ARG B 477 -49.87 28.49 4.25
C ARG B 477 -49.55 29.49 3.13
N TYR B 478 -48.46 29.28 2.39
CA TYR B 478 -48.24 30.04 1.15
C TYR B 478 -48.87 29.24 -0.01
N ILE B 483 -55.72 26.58 -5.62
CA ILE B 483 -55.01 25.66 -6.51
C ILE B 483 -55.43 24.20 -6.31
N HIS B 484 -55.46 23.45 -7.42
CA HIS B 484 -55.98 22.08 -7.48
C HIS B 484 -55.57 21.16 -6.32
N PRO B 485 -56.56 20.46 -5.69
CA PRO B 485 -56.38 19.53 -4.56
C PRO B 485 -55.34 18.41 -4.72
N ARG B 486 -55.20 17.89 -5.95
CA ARG B 486 -54.19 16.89 -6.26
C ARG B 486 -52.78 17.52 -6.33
N VAL B 487 -52.69 18.79 -6.72
CA VAL B 487 -51.40 19.44 -6.72
C VAL B 487 -51.01 19.58 -5.25
N ARG B 488 -51.93 20.15 -4.45
CA ARG B 488 -51.77 20.26 -2.99
C ARG B 488 -51.30 18.98 -2.31
N GLN B 489 -51.88 17.84 -2.69
CA GLN B 489 -51.51 16.57 -2.09
C GLN B 489 -50.03 16.22 -2.36
N SER B 490 -49.63 16.38 -3.62
CA SER B 490 -48.24 16.20 -4.07
C SER B 490 -47.20 17.06 -3.33
N LEU B 491 -47.58 18.30 -3.01
CA LEU B 491 -46.70 19.28 -2.36
C LEU B 491 -46.55 19.14 -0.83
N LEU B 492 -47.49 18.44 -0.21
CA LEU B 492 -47.64 18.48 1.24
C LEU B 492 -46.90 17.36 1.95
N TYR B 493 -46.11 17.78 2.93
CA TYR B 493 -45.49 16.87 3.88
C TYR B 493 -45.89 17.28 5.30
N SER B 494 -46.02 16.31 6.21
CA SER B 494 -46.05 16.63 7.63
C SER B 494 -44.71 17.21 8.08
N ARG B 495 -44.65 17.75 9.28
CA ARG B 495 -43.44 18.38 9.74
C ARG B 495 -42.42 17.27 10.02
N GLU B 496 -42.91 16.09 10.36
CA GLU B 496 -42.05 14.97 10.64
C GLU B 496 -41.48 14.31 9.39
N GLN B 497 -42.33 14.02 8.40
CA GLN B 497 -41.86 13.46 7.14
C GLN B 497 -40.74 14.34 6.56
N GLY B 498 -40.96 15.65 6.60
CA GLY B 498 -40.07 16.61 6.03
C GLY B 498 -38.76 16.68 6.76
N TRP B 499 -38.82 16.47 8.08
CA TRP B 499 -37.63 16.56 8.90
C TRP B 499 -36.74 15.33 8.69
N ASN B 500 -37.37 14.17 8.50
CA ASN B 500 -36.68 12.93 8.13
C ASN B 500 -35.89 13.15 6.86
N ARG B 501 -36.53 13.77 5.87
CA ARG B 501 -35.88 13.98 4.58
C ARG B 501 -34.64 14.85 4.74
N ILE B 502 -34.76 15.88 5.54
CA ILE B 502 -33.71 16.84 5.73
C ILE B 502 -32.59 16.22 6.56
N MET B 503 -32.94 15.35 7.50
CA MET B 503 -31.91 14.62 8.25
C MET B 503 -31.06 13.74 7.31
N TYR B 504 -31.74 12.92 6.51
CA TYR B 504 -31.10 12.01 5.58
C TYR B 504 -30.25 12.70 4.51
N CYS B 505 -30.82 13.70 3.85
CA CYS B 505 -30.16 14.36 2.74
C CYS B 505 -28.92 15.13 3.18
N LEU B 506 -28.99 15.78 4.33
CA LEU B 506 -27.90 16.68 4.82
C LEU B 506 -26.78 15.94 5.52
N PHE B 507 -27.12 14.93 6.29
CA PHE B 507 -26.09 14.35 7.12
C PHE B 507 -25.57 13.03 6.60
N ILE B 508 -26.47 12.17 6.10
CA ILE B 508 -26.08 10.84 5.65
C ILE B 508 -25.71 10.79 4.18
N ASN B 509 -26.49 11.47 3.34
CA ASN B 509 -26.26 11.46 1.91
C ASN B 509 -25.10 12.38 1.53
N HIS B 510 -24.98 13.50 2.21
CA HIS B 510 -24.22 14.62 1.70
C HIS B 510 -22.95 14.84 2.50
N LEU B 511 -23.05 15.42 3.70
CA LEU B 511 -21.90 15.69 4.51
C LEU B 511 -21.15 14.46 4.94
N SER B 512 -21.86 13.38 5.21
CA SER B 512 -21.14 12.10 5.47
C SER B 512 -20.24 11.70 4.30
N GLU B 513 -20.70 11.92 3.08
CA GLU B 513 -19.80 11.70 1.96
C GLU B 513 -18.69 12.81 1.84
N THR B 514 -19.02 14.05 2.20
CA THR B 514 -18.06 15.15 2.19
C THR B 514 -16.85 14.86 3.09
N ILE B 515 -17.14 14.43 4.31
CA ILE B 515 -16.14 14.16 5.31
C ILE B 515 -15.32 12.93 4.94
N LEU B 516 -15.95 11.93 4.33
CA LEU B 516 -15.22 10.71 3.97
C LEU B 516 -14.15 10.94 2.90
N ALA B 517 -14.45 11.79 1.93
CA ALA B 517 -13.58 11.98 0.80
C ALA B 517 -12.45 12.92 1.23
N LEU B 518 -12.76 13.85 2.14
CA LEU B 518 -11.72 14.77 2.61
C LEU B 518 -10.79 14.12 3.62
N SER B 519 -11.32 13.11 4.33
CA SER B 519 -10.61 12.40 5.42
C SER B 519 -10.00 11.08 5.01
N GLN B 520 -9.65 10.94 3.73
CA GLN B 520 -8.99 9.72 3.29
C GLN B 520 -7.52 9.81 3.66
N GLY B 521 -6.94 8.72 4.13
CA GLY B 521 -5.61 8.78 4.70
C GLY B 521 -5.58 9.45 6.07
N ARG B 522 -6.55 10.30 6.37
CA ARG B 522 -6.55 10.95 7.68
C ARG B 522 -7.86 10.81 8.51
N PRO B 523 -8.23 9.55 8.87
CA PRO B 523 -9.53 9.24 9.47
C PRO B 523 -9.73 9.92 10.78
N GLN B 524 -8.65 10.37 11.41
CA GLN B 524 -8.78 11.08 12.68
C GLN B 524 -9.52 12.43 12.53
N LEU B 525 -9.54 13.02 11.34
CA LEU B 525 -10.29 14.29 11.13
C LEU B 525 -11.81 14.12 11.20
N ALA B 526 -12.29 12.92 10.95
CA ALA B 526 -13.74 12.63 10.93
C ALA B 526 -14.56 13.15 12.13
N PRO B 527 -14.24 12.71 13.36
CA PRO B 527 -14.96 13.31 14.52
C PRO B 527 -14.69 14.83 14.69
N LEU B 528 -13.49 15.30 14.35
CA LEU B 528 -13.23 16.73 14.36
C LEU B 528 -14.21 17.48 13.45
N MET B 529 -14.35 17.01 12.20
CA MET B 529 -15.42 17.50 11.32
C MET B 529 -16.87 17.30 11.90
N TRP B 530 -17.18 16.15 12.53
CA TRP B 530 -18.53 16.05 13.18
C TRP B 530 -18.78 17.03 14.35
N ARG B 531 -17.82 17.19 15.26
CA ARG B 531 -17.99 18.14 16.36
C ARG B 531 -18.31 19.55 15.81
N ARG B 532 -17.71 19.87 14.66
CA ARG B 532 -17.83 21.18 14.03
C ARG B 532 -19.19 21.34 13.39
N VAL B 533 -19.74 20.25 12.83
CA VAL B 533 -21.12 20.27 12.32
C VAL B 533 -22.02 20.56 13.50
N GLN B 534 -21.73 19.96 14.66
CA GLN B 534 -22.59 20.11 15.85
C GLN B 534 -22.61 21.52 16.41
N GLN B 535 -21.45 22.16 16.32
CA GLN B 535 -21.28 23.53 16.72
C GLN B 535 -21.91 24.47 15.70
N GLN B 536 -21.92 24.09 14.43
CA GLN B 536 -22.59 24.96 13.44
C GLN B 536 -24.11 24.93 13.59
N LEU B 537 -24.67 23.75 13.90
CA LEU B 537 -26.09 23.56 14.24
C LEU B 537 -26.57 24.47 15.37
N ARG B 538 -25.78 24.54 16.44
CA ARG B 538 -26.06 25.43 17.54
C ARG B 538 -26.09 26.90 17.08
N ALA B 539 -25.05 27.38 16.42
CA ALA B 539 -25.01 28.81 16.06
C ALA B 539 -26.19 29.25 15.17
N ILE B 540 -26.54 28.38 14.21
CA ILE B 540 -27.73 28.52 13.36
C ILE B 540 -29.03 28.41 14.16
N GLN B 541 -29.08 27.58 15.21
CA GLN B 541 -30.30 27.53 16.03
C GLN B 541 -30.64 28.88 16.64
N GLY B 542 -29.62 29.56 17.18
CA GLY B 542 -29.79 30.90 17.75
C GLY B 542 -30.13 31.99 16.73
N GLU B 543 -30.06 31.63 15.46
CA GLU B 543 -30.27 32.59 14.40
C GLU B 543 -31.67 32.47 13.85
N LEU B 544 -32.39 31.44 14.29
CA LEU B 544 -33.72 31.15 13.76
C LEU B 544 -34.77 32.05 14.38
N LYS B 545 -35.89 32.18 13.67
CA LYS B 545 -36.95 33.05 14.14
C LYS B 545 -38.14 32.22 14.65
N GLN B 546 -38.08 30.90 14.49
CA GLN B 546 -39.20 30.05 14.91
C GLN B 546 -38.71 28.86 15.75
N PRO B 547 -39.66 28.17 16.49
CA PRO B 547 -39.31 27.00 17.32
C PRO B 547 -38.66 25.91 16.47
N SER B 548 -37.66 25.25 17.06
CA SER B 548 -36.94 24.20 16.39
C SER B 548 -36.65 23.00 17.31
N PRO B 549 -37.69 22.45 17.98
CA PRO B 549 -37.50 21.30 18.86
C PRO B 549 -36.73 20.14 18.20
N GLU B 550 -36.98 19.92 16.90
CA GLU B 550 -36.37 18.79 16.19
C GLU B 550 -34.87 18.95 16.10
N LEU B 551 -34.43 20.19 16.01
CA LEU B 551 -33.02 20.49 15.91
C LEU B 551 -32.35 20.33 17.27
N ASP B 552 -33.11 20.54 18.34
CA ASP B 552 -32.57 20.33 19.68
C ASP B 552 -32.27 18.86 19.91
N ALA B 553 -33.16 17.98 19.40
CA ALA B 553 -32.96 16.55 19.59
C ALA B 553 -31.71 16.07 18.86
N LEU B 554 -31.57 16.47 17.59
CA LEU B 554 -30.37 16.18 16.79
C LEU B 554 -29.10 16.67 17.51
N ILE B 555 -29.15 17.88 18.03
CA ILE B 555 -28.02 18.47 18.75
C ILE B 555 -27.77 17.71 20.06
N ALA B 556 -28.84 17.27 20.72
CA ALA B 556 -28.70 16.38 21.89
C ALA B 556 -27.90 15.11 21.62
N GLY B 557 -28.18 14.41 20.52
CA GLY B 557 -27.47 13.15 20.25
C GLY B 557 -28.40 12.07 19.76
N HIS B 558 -29.63 12.44 19.44
CA HIS B 558 -30.67 11.49 19.03
C HIS B 558 -30.43 10.84 17.63
N PRO B 559 -31.07 9.68 17.38
CA PRO B 559 -30.80 8.96 16.15
C PRO B 559 -31.23 9.74 14.93
N VAL B 560 -30.59 9.44 13.80
CA VAL B 560 -30.79 10.17 12.55
C VAL B 560 -31.42 9.29 11.49
N ALA B 561 -32.49 9.76 10.86
CA ALA B 561 -33.21 9.01 9.81
C ALA B 561 -32.35 8.81 8.57
N CYS B 562 -32.49 7.65 7.94
CA CYS B 562 -31.72 7.31 6.79
C CYS B 562 -32.54 6.51 5.78
N LYS B 563 -32.55 7.00 4.54
CA LYS B 563 -33.31 6.40 3.43
C LYS B 563 -32.60 5.17 2.92
N THR B 564 -33.36 4.23 2.38
CA THR B 564 -32.80 2.97 2.01
C THR B 564 -32.97 2.73 0.53
N ASN B 565 -31.99 2.04 -0.03
CA ASN B 565 -31.93 1.75 -1.44
C ASN B 565 -31.88 0.26 -1.73
N LEU B 566 -31.44 -0.53 -0.76
CA LEU B 566 -31.50 -1.97 -0.91
C LEU B 566 -32.85 -2.43 -0.32
N LYS B 567 -33.07 -2.14 0.96
CA LYS B 567 -34.21 -2.63 1.71
C LYS B 567 -35.56 -2.36 1.03
N VAL B 568 -35.73 -1.16 0.48
CA VAL B 568 -36.97 -0.80 -0.20
C VAL B 568 -37.30 -1.71 -1.41
N ARG B 569 -36.34 -2.56 -1.81
CA ARG B 569 -36.50 -3.39 -3.00
C ARG B 569 -36.93 -4.78 -2.58
N LEU B 570 -36.75 -5.07 -1.31
CA LEU B 570 -37.03 -6.42 -0.82
C LEU B 570 -38.41 -6.52 -0.14
N ALA B 571 -38.73 -5.58 0.74
CA ALA B 571 -40.00 -5.58 1.42
C ALA B 571 -41.18 -5.17 0.53
N ALA B 572 -42.40 -5.32 1.07
CA ALA B 572 -43.63 -4.97 0.38
C ALA B 572 -43.97 -3.50 0.61
N ALA B 578 -39.45 -0.81 5.91
CA ALA B 578 -38.58 -0.82 4.72
C ALA B 578 -38.04 0.58 4.31
N SER B 579 -38.87 1.60 4.44
CA SER B 579 -38.58 2.85 3.77
C SER B 579 -37.36 3.57 4.36
N TYR B 580 -37.35 3.77 5.67
CA TYR B 580 -36.29 4.48 6.37
C TYR B 580 -35.83 3.67 7.58
N VAL B 581 -34.56 3.81 7.95
CA VAL B 581 -34.08 3.28 9.23
C VAL B 581 -33.55 4.44 10.06
N ARG B 582 -33.02 4.17 11.26
CA ARG B 582 -32.34 5.19 12.08
C ARG B 582 -30.91 4.75 12.35
N LEU B 583 -29.99 5.71 12.45
CA LEU B 583 -28.61 5.41 12.72
C LEU B 583 -28.22 6.35 13.82
N PRO B 584 -27.33 5.91 14.72
CA PRO B 584 -26.83 6.66 15.87
C PRO B 584 -26.02 7.84 15.40
N SER B 585 -25.93 8.87 16.24
CA SER B 585 -25.47 10.16 15.77
C SER B 585 -24.00 10.27 16.04
N PRO B 586 -23.22 10.81 15.09
CA PRO B 586 -21.77 10.82 15.19
C PRO B 586 -21.23 11.49 16.46
N TRP B 587 -22.04 12.35 17.10
CA TRP B 587 -21.69 13.06 18.35
C TRP B 587 -22.38 12.56 19.66
#